data_5NCD
#
_entry.id   5NCD
#
_cell.length_a   50.647
_cell.length_b   117.438
_cell.length_c   99.488
_cell.angle_alpha   90.00
_cell.angle_beta   102.92
_cell.angle_gamma   90.00
#
_symmetry.space_group_name_H-M   'P 1 21 1'
#
loop_
_entity.id
_entity.type
_entity.pdbx_description
1 polymer 'Peptidoglycan N-acetylglucosamine deacetylase'
2 non-polymer 'ACETATE ION'
3 non-polymer 'ZINC ION'
4 non-polymer N-HYDROXY-L-ARGININAMIDE
5 non-polymer 'CITRIC ACID'
6 water water
#
_entity_poly.entity_id   1
_entity_poly.type   'polypeptide(L)'
_entity_poly.pdbx_seq_one_letter_code
;FQSITSPAKAVAKQENVVQLASEQPKVEMNKTAPSRFNGKERKVAYLTFDDGPGKYTAELLNTLKQHDAKATFFLIGANV
KEFPDLVKRENAEGHYVGMHSMTHNFAKLYKNGEYVNEMKEDQGLIANIIGKSPKLTRPPYGSMPGLNEGLRNKVVEGGF
KVWDWTIDSLDWRYNKMPVDAAAAQIAQNVLTNATKPQEVILMHDIHPQSVAAVPAILKGLKEKGYEFEAYHEESHFPVN
FWHDNRM
;
_entity_poly.pdbx_strand_id   A,B,C,D
#
# COMPACT_ATOMS: atom_id res chain seq x y z
N ARG A 42 -26.30 2.42 27.35
CA ARG A 42 -26.60 3.83 27.53
C ARG A 42 -27.65 4.37 26.55
N LYS A 43 -27.79 3.63 25.44
CA LYS A 43 -28.69 3.78 24.27
C LYS A 43 -28.77 5.19 23.56
N VAL A 44 -28.20 5.33 22.35
CA VAL A 44 -28.51 6.46 21.46
C VAL A 44 -28.52 6.14 19.94
N ALA A 45 -29.56 6.62 19.26
CA ALA A 45 -29.78 6.40 17.84
C ALA A 45 -29.83 7.72 17.06
N TYR A 46 -28.77 8.00 16.33
CA TYR A 46 -28.68 9.25 15.58
C TYR A 46 -29.12 9.08 14.14
N LEU A 47 -30.44 9.09 13.94
CA LEU A 47 -31.02 9.20 12.61
C LEU A 47 -30.48 10.41 11.88
N THR A 48 -29.97 10.17 10.67
CA THR A 48 -29.49 11.26 9.84
C THR A 48 -30.12 11.14 8.46
N PHE A 49 -30.52 12.26 7.89
CA PHE A 49 -31.21 12.25 6.61
C PHE A 49 -30.50 13.21 5.68
N ASP A 50 -30.26 12.76 4.45
CA ASP A 50 -29.46 13.49 3.49
C ASP A 50 -30.23 14.06 2.31
N ASP A 51 -29.62 15.03 1.66
CA ASP A 51 -30.03 15.53 0.35
C ASP A 51 -31.31 16.35 0.42
N GLY A 52 -31.73 16.67 1.64
CA GLY A 52 -32.94 17.46 1.82
C GLY A 52 -32.73 18.95 1.81
N PRO A 53 -33.79 19.70 2.11
CA PRO A 53 -35.13 19.14 2.39
C PRO A 53 -35.86 18.75 1.11
N GLY A 54 -36.99 18.06 1.26
CA GLY A 54 -37.76 17.64 0.11
C GLY A 54 -39.22 17.48 0.45
N LYS A 55 -39.95 16.92 -0.51
CA LYS A 55 -41.42 16.77 -0.49
C LYS A 55 -41.98 16.06 0.72
N TYR A 56 -41.17 15.21 1.34
CA TYR A 56 -41.68 14.34 2.38
C TYR A 56 -41.09 14.77 3.72
N THR A 57 -40.37 15.87 3.69
CA THR A 57 -39.68 16.31 4.90
C THR A 57 -40.68 16.76 5.97
N ALA A 58 -41.73 17.45 5.55
CA ALA A 58 -42.75 17.90 6.51
C ALA A 58 -43.51 16.72 7.12
N GLU A 59 -43.79 15.71 6.30
CA GLU A 59 -44.33 14.43 6.78
C GLU A 59 -43.38 13.79 7.81
N LEU A 60 -42.11 13.65 7.44
CA LEU A 60 -41.10 13.10 8.33
C LEU A 60 -41.01 13.92 9.64
N LEU A 61 -40.89 15.23 9.51
CA LEU A 61 -40.84 16.11 10.68
C LEU A 61 -42.07 15.92 11.58
N ASN A 62 -43.22 15.62 10.98
CA ASN A 62 -44.42 15.32 11.74
C ASN A 62 -44.32 13.98 12.46
N THR A 63 -43.75 13.02 11.77
CA THR A 63 -43.56 11.68 12.30
C THR A 63 -42.61 11.67 13.50
N LEU A 64 -41.49 12.38 13.39
CA LEU A 64 -40.55 12.49 14.51
C LEU A 64 -41.18 13.20 15.73
N LYS A 65 -41.91 14.28 15.48
CA LYS A 65 -42.54 15.03 16.56
C LYS A 65 -43.55 14.18 17.29
N GLN A 66 -44.24 13.34 16.52
CA GLN A 66 -45.24 12.42 17.03
C GLN A 66 -44.66 11.33 17.94
N HIS A 67 -43.34 11.27 18.02
CA HIS A 67 -42.67 10.18 18.70
C HIS A 67 -41.62 10.75 19.64
N ASP A 68 -41.68 12.07 19.79
CA ASP A 68 -40.69 12.84 20.54
C ASP A 68 -39.26 12.46 20.12
N ALA A 69 -39.05 12.24 18.83
CA ALA A 69 -37.74 11.81 18.34
C ALA A 69 -36.95 12.98 17.75
N LYS A 70 -35.65 13.00 18.04
CA LYS A 70 -34.76 14.05 17.55
C LYS A 70 -33.75 13.49 16.56
N ALA A 71 -33.50 14.23 15.49
CA ALA A 71 -32.76 13.71 14.37
C ALA A 71 -31.71 14.69 13.86
N THR A 72 -31.09 14.33 12.75
CA THR A 72 -30.07 15.14 12.14
C THR A 72 -30.31 15.23 10.65
N PHE A 73 -30.26 16.44 10.10
CA PHE A 73 -30.43 16.60 8.65
C PHE A 73 -29.19 17.19 8.03
N PHE A 74 -28.74 16.59 6.94
CA PHE A 74 -27.64 17.15 6.17
C PHE A 74 -28.20 17.64 4.85
N LEU A 75 -28.17 18.96 4.67
CA LEU A 75 -28.91 19.62 3.61
C LEU A 75 -28.06 20.01 2.42
N ILE A 76 -28.58 19.78 1.21
CA ILE A 76 -27.90 20.28 0.04
C ILE A 76 -28.23 21.76 -0.16
N GLY A 77 -27.25 22.55 -0.60
CA GLY A 77 -27.43 23.96 -0.81
C GLY A 77 -28.67 24.40 -1.56
N ALA A 78 -28.92 23.79 -2.72
CA ALA A 78 -30.01 24.25 -3.59
C ALA A 78 -31.37 23.94 -2.99
N ASN A 79 -31.41 22.93 -2.14
CA ASN A 79 -32.65 22.53 -1.48
C ASN A 79 -32.94 23.48 -0.32
N VAL A 80 -31.87 24.00 0.29
CA VAL A 80 -32.00 25.05 1.29
C VAL A 80 -32.58 26.30 0.68
N LYS A 81 -32.07 26.69 -0.48
CA LYS A 81 -32.64 27.83 -1.22
C LYS A 81 -34.13 27.63 -1.53
N GLU A 82 -34.51 26.41 -1.90
CA GLU A 82 -35.87 26.15 -2.33
C GLU A 82 -36.82 25.92 -1.17
N PHE A 83 -36.33 25.37 -0.07
CA PHE A 83 -37.21 25.07 1.07
C PHE A 83 -36.80 25.78 2.37
N PRO A 84 -36.76 27.14 2.37
CA PRO A 84 -36.35 27.84 3.59
C PRO A 84 -37.17 27.49 4.84
N ASP A 85 -38.48 27.28 4.69
CA ASP A 85 -39.35 26.96 5.82
C ASP A 85 -39.04 25.62 6.47
N LEU A 86 -38.87 24.60 5.64
CA LEU A 86 -38.49 23.29 6.12
C LEU A 86 -37.15 23.36 6.86
N VAL A 87 -36.21 24.13 6.33
CA VAL A 87 -34.93 24.31 7.00
C VAL A 87 -35.15 25.01 8.34
N LYS A 88 -35.99 26.03 8.31
CA LYS A 88 -36.29 26.76 9.53
C LYS A 88 -36.98 25.86 10.53
N ARG A 89 -37.92 25.05 10.02
CA ARG A 89 -38.72 24.20 10.89
C ARG A 89 -37.88 23.10 11.54
N GLU A 90 -36.95 22.53 10.77
CA GLU A 90 -36.06 21.49 11.27
C GLU A 90 -35.28 21.97 12.48
N ASN A 91 -34.61 23.11 12.35
CA ASN A 91 -33.89 23.67 13.50
C ASN A 91 -34.81 23.97 14.67
N ALA A 92 -35.98 24.55 14.37
CA ALA A 92 -36.93 25.02 15.39
C ALA A 92 -37.51 23.87 16.22
N GLU A 93 -37.52 22.67 15.67
CA GLU A 93 -38.15 21.57 16.37
C GLU A 93 -37.15 20.67 17.07
N GLY A 94 -35.89 21.12 17.12
CA GLY A 94 -34.88 20.49 17.96
C GLY A 94 -34.03 19.43 17.30
N HIS A 95 -33.98 19.45 15.97
CA HIS A 95 -33.10 18.57 15.25
C HIS A 95 -31.89 19.35 14.82
N TYR A 96 -30.80 18.64 14.55
CA TYR A 96 -29.60 19.27 14.06
C TYR A 96 -29.66 19.48 12.56
N VAL A 97 -29.19 20.63 12.10
CA VAL A 97 -29.12 20.93 10.69
C VAL A 97 -27.67 21.16 10.32
N GLY A 98 -27.16 20.33 9.40
CA GLY A 98 -25.79 20.38 8.93
C GLY A 98 -25.68 20.38 7.42
N MET A 99 -24.47 20.53 6.88
CA MET A 99 -24.33 20.67 5.45
C MET A 99 -24.03 19.32 4.77
N HIS A 100 -24.30 19.25 3.47
CA HIS A 100 -24.16 18.06 2.65
C HIS A 100 -23.76 18.55 1.26
N SER A 101 -23.16 19.75 1.23
CA SER A 101 -22.55 20.38 0.05
C SER A 101 -23.51 21.19 -0.83
N MET A 102 -22.92 21.87 -1.82
CA MET A 102 -23.69 22.62 -2.81
C MET A 102 -24.03 21.78 -4.05
N THR A 103 -23.03 21.10 -4.61
CA THR A 103 -23.21 20.42 -5.89
C THR A 103 -23.51 18.93 -5.73
N HIS A 104 -23.16 18.36 -4.58
CA HIS A 104 -23.22 16.91 -4.40
C HIS A 104 -22.54 16.22 -5.58
N ASN A 105 -21.36 16.72 -5.95
CA ASN A 105 -20.65 16.28 -7.16
C ASN A 105 -19.25 15.78 -6.81
N PHE A 106 -19.03 14.48 -6.99
CA PHE A 106 -17.80 13.82 -6.56
C PHE A 106 -16.52 14.46 -7.11
N ALA A 107 -16.53 14.87 -8.38
CA ALA A 107 -15.31 15.37 -9.02
C ALA A 107 -14.99 16.82 -8.59
N LYS A 108 -16.01 17.61 -8.28
CA LYS A 108 -15.80 18.99 -7.81
C LYS A 108 -15.34 18.94 -6.37
N LEU A 109 -16.08 18.18 -5.56
CA LEU A 109 -15.81 18.11 -4.13
C LEU A 109 -14.43 17.60 -3.86
N TYR A 110 -14.12 16.40 -4.36
CA TYR A 110 -12.90 15.73 -3.95
C TYR A 110 -11.74 15.86 -4.94
N LYS A 111 -11.97 15.47 -6.18
CA LYS A 111 -10.89 15.52 -7.15
C LYS A 111 -10.43 16.95 -7.38
N ASN A 112 -11.38 17.87 -7.49
CA ASN A 112 -11.00 19.28 -7.65
C ASN A 112 -10.92 20.07 -6.35
N GLY A 113 -11.01 19.37 -5.22
CA GLY A 113 -10.74 19.92 -3.91
C GLY A 113 -11.64 21.03 -3.39
N GLU A 114 -12.89 21.05 -3.85
CA GLU A 114 -13.80 22.14 -3.53
C GLU A 114 -14.61 21.87 -2.28
N TYR A 115 -14.42 20.69 -1.71
CA TYR A 115 -15.22 20.25 -0.58
C TYR A 115 -15.51 21.31 0.47
N VAL A 116 -14.45 21.93 0.94
CA VAL A 116 -14.54 22.82 2.11
C VAL A 116 -15.27 24.09 1.72
N ASN A 117 -14.89 24.68 0.60
CA ASN A 117 -15.61 25.81 0.02
C ASN A 117 -17.10 25.58 -0.15
N GLU A 118 -17.49 24.40 -0.60
CA GLU A 118 -18.90 24.15 -0.80
C GLU A 118 -19.58 23.96 0.54
N MET A 119 -18.83 23.41 1.50
CA MET A 119 -19.38 23.27 2.83
C MET A 119 -19.53 24.62 3.53
N LYS A 120 -18.57 25.51 3.32
CA LYS A 120 -18.67 26.85 3.89
C LYS A 120 -19.82 27.62 3.24
N GLU A 121 -19.99 27.47 1.93
CA GLU A 121 -21.07 28.17 1.23
C GLU A 121 -22.44 27.67 1.68
N ASP A 122 -22.59 26.35 1.76
CA ASP A 122 -23.81 25.74 2.25
C ASP A 122 -24.07 26.20 3.68
N GLN A 123 -23.00 26.33 4.45
CA GLN A 123 -23.08 26.79 5.84
C GLN A 123 -23.65 28.20 5.98
N GLY A 124 -23.33 29.05 5.01
CA GLY A 124 -23.81 30.41 5.01
C GLY A 124 -25.31 30.40 4.82
N LEU A 125 -25.77 29.62 3.85
CA LEU A 125 -27.18 29.54 3.50
C LEU A 125 -28.01 29.17 4.71
N ILE A 126 -27.51 28.19 5.47
CA ILE A 126 -28.17 27.70 6.67
C ILE A 126 -28.14 28.72 7.81
N ALA A 127 -27.03 29.44 7.95
CA ALA A 127 -26.89 30.47 8.98
C ALA A 127 -27.91 31.58 8.75
N ASN A 128 -28.07 31.97 7.48
CA ASN A 128 -29.08 32.96 7.11
C ASN A 128 -30.52 32.58 7.43
N ILE A 129 -30.74 31.35 7.85
CA ILE A 129 -32.08 30.92 8.20
C ILE A 129 -32.24 30.63 9.69
N ILE A 130 -31.25 29.97 10.28
CA ILE A 130 -31.40 29.50 11.65
C ILE A 130 -30.53 30.30 12.64
N GLY A 131 -29.77 31.25 12.11
CA GLY A 131 -29.02 32.17 12.94
C GLY A 131 -27.81 31.61 13.66
N LYS A 132 -27.27 30.50 13.15
CA LYS A 132 -25.98 29.98 13.60
C LYS A 132 -25.24 29.29 12.47
N SER A 133 -23.94 29.07 12.63
CA SER A 133 -23.17 28.36 11.61
C SER A 133 -22.78 26.98 12.09
N PRO A 134 -23.46 25.95 11.56
CA PRO A 134 -23.20 24.54 11.91
C PRO A 134 -21.77 24.14 11.56
N LYS A 135 -21.20 23.26 12.39
CA LYS A 135 -19.86 22.77 12.17
C LYS A 135 -19.86 21.40 11.48
N LEU A 136 -20.94 20.63 11.63
CA LEU A 136 -20.91 19.26 11.19
C LEU A 136 -21.23 19.13 9.70
N THR A 137 -20.32 18.54 8.94
CA THR A 137 -20.56 18.22 7.54
C THR A 137 -20.74 16.70 7.35
N ARG A 138 -21.56 16.33 6.37
CA ARG A 138 -21.69 14.93 6.00
C ARG A 138 -21.37 14.84 4.52
N PRO A 139 -20.27 14.14 4.20
CA PRO A 139 -19.72 14.09 2.85
C PRO A 139 -20.69 13.39 1.94
N PRO A 140 -20.94 13.97 0.76
CA PRO A 140 -21.62 13.20 -0.28
C PRO A 140 -20.76 11.99 -0.62
N TYR A 141 -21.36 10.80 -0.64
CA TYR A 141 -20.70 9.55 -1.01
C TYR A 141 -19.75 8.99 0.04
N GLY A 142 -19.85 9.50 1.27
CA GLY A 142 -18.93 9.15 2.33
C GLY A 142 -17.58 9.80 2.10
N SER A 143 -16.67 9.67 3.08
CA SER A 143 -15.38 10.38 3.05
C SER A 143 -14.28 9.54 2.45
N MET A 144 -14.60 8.26 2.26
CA MET A 144 -13.64 7.27 1.80
C MET A 144 -13.86 6.90 0.35
N PRO A 145 -12.89 7.18 -0.53
CA PRO A 145 -11.57 7.76 -0.28
C PRO A 145 -11.54 9.24 -0.66
N GLY A 146 -12.72 9.77 -0.99
CA GLY A 146 -12.88 11.15 -1.41
C GLY A 146 -12.08 12.16 -0.61
N LEU A 147 -12.16 12.09 0.70
CA LEU A 147 -11.50 13.11 1.52
C LEU A 147 -10.08 12.70 1.86
N ASN A 148 -9.13 13.10 1.02
CA ASN A 148 -7.74 12.70 1.24
C ASN A 148 -7.10 13.46 2.41
N GLU A 149 -5.86 13.15 2.73
CA GLU A 149 -5.21 13.70 3.91
C GLU A 149 -5.13 15.24 3.84
N GLY A 150 -5.05 15.78 2.63
CA GLY A 150 -4.95 17.20 2.42
C GLY A 150 -6.27 17.92 2.73
N LEU A 151 -7.35 17.39 2.17
CA LEU A 151 -8.69 17.91 2.42
C LEU A 151 -9.11 17.69 3.86
N ARG A 152 -8.64 16.62 4.47
CA ARG A 152 -8.99 16.43 5.88
C ARG A 152 -8.32 17.49 6.76
N ASN A 153 -7.18 18.03 6.33
CA ASN A 153 -6.57 19.15 7.05
C ASN A 153 -7.36 20.46 6.89
N LYS A 154 -7.71 20.79 5.65
CA LYS A 154 -8.52 21.97 5.37
C LYS A 154 -9.85 21.98 6.17
N VAL A 155 -10.48 20.83 6.28
CA VAL A 155 -11.68 20.64 7.09
C VAL A 155 -11.38 20.85 8.57
N VAL A 156 -10.23 20.38 9.03
CA VAL A 156 -9.86 20.58 10.42
C VAL A 156 -9.62 22.09 10.63
N GLU A 157 -8.89 22.69 9.69
CA GLU A 157 -8.47 24.06 9.82
C GLU A 157 -9.64 25.04 9.64
N GLY A 158 -10.52 24.77 8.68
CA GLY A 158 -11.69 25.61 8.48
C GLY A 158 -12.73 25.46 9.58
N GLY A 159 -12.47 24.61 10.57
CA GLY A 159 -13.35 24.52 11.72
C GLY A 159 -14.45 23.47 11.66
N PHE A 160 -14.44 22.65 10.60
CA PHE A 160 -15.48 21.66 10.36
C PHE A 160 -15.19 20.29 10.93
N LYS A 161 -16.26 19.62 11.38
CA LYS A 161 -16.22 18.19 11.68
C LYS A 161 -16.82 17.38 10.51
N VAL A 162 -16.79 16.05 10.59
CA VAL A 162 -17.21 15.17 9.48
C VAL A 162 -17.81 13.91 10.07
N TRP A 163 -19.08 13.66 9.80
CA TRP A 163 -19.70 12.42 10.24
C TRP A 163 -20.09 11.55 9.05
N ASP A 164 -19.55 10.33 8.98
CA ASP A 164 -20.08 9.32 8.06
C ASP A 164 -21.27 8.66 8.77
N TRP A 165 -21.39 7.34 8.65
CA TRP A 165 -22.45 6.62 9.36
C TRP A 165 -21.99 5.25 9.86
N THR A 166 -22.81 4.62 10.68
CA THR A 166 -22.54 3.25 11.11
C THR A 166 -23.59 2.25 10.60
N ILE A 167 -24.65 2.76 9.96
CA ILE A 167 -25.69 1.91 9.36
C ILE A 167 -26.22 2.45 8.04
N ASP A 168 -26.00 1.74 6.94
CA ASP A 168 -26.58 2.15 5.67
C ASP A 168 -27.98 1.54 5.50
N SER A 169 -29.00 2.38 5.51
CA SER A 169 -30.38 1.93 5.33
C SER A 169 -30.60 1.20 4.01
N LEU A 170 -29.73 1.48 3.04
CA LEU A 170 -29.85 0.91 1.69
C LEU A 170 -31.17 1.35 1.06
N ASP A 171 -31.67 2.51 1.46
CA ASP A 171 -33.01 2.92 1.07
C ASP A 171 -33.16 3.20 -0.43
N TRP A 172 -32.04 3.52 -1.08
CA TRP A 172 -32.03 3.91 -2.49
C TRP A 172 -32.32 2.73 -3.43
N ARG A 173 -32.20 1.51 -2.89
CA ARG A 173 -32.41 0.30 -3.67
C ARG A 173 -33.85 0.20 -4.11
N TYR A 174 -34.74 0.68 -3.26
CA TYR A 174 -36.16 0.45 -3.42
C TYR A 174 -36.91 1.60 -4.08
N ASN A 175 -36.14 2.51 -4.68
CA ASN A 175 -36.72 3.67 -5.36
C ASN A 175 -37.64 3.24 -6.51
N LYS A 176 -38.73 3.98 -6.68
CA LYS A 176 -39.77 3.71 -7.67
C LYS A 176 -40.45 2.36 -7.47
N MET A 177 -40.30 1.79 -6.27
CA MET A 177 -41.01 0.56 -5.89
C MET A 177 -42.10 0.90 -4.87
N PRO A 178 -43.16 0.07 -4.80
CA PRO A 178 -44.27 0.21 -3.86
C PRO A 178 -43.84 0.59 -2.44
N VAL A 179 -44.14 1.83 -2.09
CA VAL A 179 -43.68 2.48 -0.87
C VAL A 179 -43.90 1.62 0.39
N ASP A 180 -45.04 0.95 0.45
CA ASP A 180 -45.34 0.03 1.55
C ASP A 180 -44.25 -1.02 1.79
N ALA A 181 -44.11 -1.95 0.85
CA ALA A 181 -43.15 -3.03 0.98
C ALA A 181 -41.73 -2.51 1.08
N ALA A 182 -41.41 -1.51 0.24
CA ALA A 182 -40.11 -0.87 0.26
C ALA A 182 -39.75 -0.42 1.68
N ALA A 183 -40.67 0.29 2.32
CA ALA A 183 -40.39 0.82 3.65
C ALA A 183 -40.13 -0.31 4.66
N ALA A 184 -40.99 -1.32 4.65
CA ALA A 184 -40.86 -2.43 5.60
C ALA A 184 -39.50 -3.13 5.51
N GLN A 185 -39.03 -3.30 4.29
CA GLN A 185 -37.72 -3.91 4.04
C GLN A 185 -36.65 -3.01 4.65
N ILE A 186 -36.87 -1.70 4.53
CA ILE A 186 -35.91 -0.70 4.93
C ILE A 186 -35.75 -0.63 6.43
N ALA A 187 -36.87 -0.69 7.15
CA ALA A 187 -36.81 -0.71 8.60
C ALA A 187 -36.00 -1.94 9.02
N GLN A 188 -36.14 -3.01 8.26
CA GLN A 188 -35.45 -4.26 8.55
C GLN A 188 -33.94 -4.14 8.46
N ASN A 189 -33.44 -3.63 7.33
CA ASN A 189 -31.99 -3.44 7.16
C ASN A 189 -31.43 -2.70 8.36
N VAL A 190 -32.17 -1.72 8.86
CA VAL A 190 -31.68 -0.86 9.92
C VAL A 190 -31.73 -1.56 11.26
N LEU A 191 -32.92 -1.97 11.67
CA LEU A 191 -33.15 -2.62 12.96
C LEU A 191 -32.21 -3.78 13.17
N THR A 192 -31.92 -4.50 12.09
CA THR A 192 -31.09 -5.71 12.14
C THR A 192 -29.68 -5.43 12.61
N ASN A 193 -29.09 -4.36 12.10
CA ASN A 193 -27.69 -4.06 12.41
C ASN A 193 -27.51 -3.10 13.58
N ALA A 194 -28.57 -2.85 14.33
CA ALA A 194 -28.46 -2.01 15.52
C ALA A 194 -28.04 -2.85 16.73
N THR A 195 -26.81 -2.67 17.19
CA THR A 195 -26.27 -3.47 18.29
C THR A 195 -25.24 -2.74 19.17
N LYS A 196 -24.65 -1.67 18.64
CA LYS A 196 -23.66 -0.92 19.40
C LYS A 196 -24.28 0.30 20.08
N PRO A 197 -23.76 0.67 21.28
CA PRO A 197 -24.29 1.74 22.13
C PRO A 197 -24.67 3.03 21.41
N GLN A 198 -23.92 3.40 20.37
CA GLN A 198 -24.31 4.53 19.52
C GLN A 198 -24.42 4.07 18.07
N GLU A 199 -25.45 4.54 17.37
CA GLU A 199 -25.60 4.24 15.94
C GLU A 199 -25.91 5.49 15.16
N VAL A 200 -25.26 5.63 14.02
CA VAL A 200 -25.53 6.74 13.12
C VAL A 200 -26.11 6.17 11.83
N ILE A 201 -27.41 6.35 11.66
CA ILE A 201 -28.14 5.75 10.55
C ILE A 201 -28.26 6.69 9.36
N LEU A 202 -27.87 6.18 8.20
CA LEU A 202 -27.94 6.93 6.96
C LEU A 202 -29.28 6.70 6.30
N MET A 203 -30.09 7.75 6.21
CA MET A 203 -31.34 7.66 5.47
C MET A 203 -31.46 8.84 4.52
N HIS A 204 -32.49 8.84 3.68
CA HIS A 204 -32.70 9.93 2.73
C HIS A 204 -34.17 10.38 2.73
N ASP A 205 -34.42 11.62 3.17
CA ASP A 205 -35.80 12.13 3.32
C ASP A 205 -36.37 12.76 2.04
N ILE A 206 -35.66 12.57 0.94
CA ILE A 206 -36.16 12.90 -0.39
C ILE A 206 -36.89 11.71 -1.02
N HIS A 207 -36.78 10.54 -0.37
CA HIS A 207 -37.44 9.32 -0.81
C HIS A 207 -38.67 9.01 0.02
N PRO A 208 -39.79 8.66 -0.65
CA PRO A 208 -41.00 8.23 0.06
C PRO A 208 -40.83 6.97 0.90
N GLN A 209 -40.05 5.99 0.44
CA GLN A 209 -39.97 4.74 1.20
C GLN A 209 -39.15 4.94 2.48
N SER A 210 -38.18 5.84 2.43
CA SER A 210 -37.35 6.10 3.59
C SER A 210 -38.19 6.70 4.71
N VAL A 211 -38.98 7.72 4.38
CA VAL A 211 -39.90 8.34 5.32
C VAL A 211 -40.90 7.34 5.91
N ALA A 212 -41.50 6.51 5.06
CA ALA A 212 -42.53 5.60 5.52
C ALA A 212 -41.95 4.53 6.43
N ALA A 213 -40.65 4.28 6.28
CA ALA A 213 -39.94 3.24 7.01
C ALA A 213 -39.68 3.67 8.44
N VAL A 214 -39.63 4.99 8.63
CA VAL A 214 -39.21 5.60 9.89
C VAL A 214 -40.10 5.22 11.08
N PRO A 215 -41.45 5.29 10.93
CA PRO A 215 -42.27 4.84 12.06
C PRO A 215 -41.87 3.46 12.57
N ALA A 216 -41.67 2.52 11.65
CA ALA A 216 -41.29 1.17 12.02
C ALA A 216 -39.88 1.12 12.64
N ILE A 217 -38.96 1.94 12.14
CA ILE A 217 -37.64 2.02 12.74
C ILE A 217 -37.73 2.65 14.13
N LEU A 218 -38.41 3.80 14.20
CA LEU A 218 -38.43 4.66 15.40
C LEU A 218 -38.77 3.93 16.68
N LYS A 219 -39.52 2.84 16.60
CA LYS A 219 -39.69 2.03 17.79
C LYS A 219 -39.38 0.57 17.48
N GLY A 220 -38.68 0.35 16.39
CA GLY A 220 -37.98 -0.90 16.27
C GLY A 220 -36.84 -0.74 17.26
N LEU A 221 -36.33 0.49 17.29
CA LEU A 221 -35.17 0.82 18.12
C LEU A 221 -35.53 1.24 19.56
N LYS A 222 -36.76 1.67 19.85
CA LYS A 222 -37.05 2.03 21.26
C LYS A 222 -37.00 0.77 22.12
N GLU A 223 -37.45 -0.36 21.59
CA GLU A 223 -37.44 -1.61 22.36
C GLU A 223 -36.03 -2.07 22.68
N LYS A 224 -35.16 -2.06 21.68
CA LYS A 224 -33.78 -2.47 21.88
C LYS A 224 -33.08 -1.59 22.88
N GLY A 225 -33.77 -0.53 23.29
CA GLY A 225 -33.29 0.36 24.31
C GLY A 225 -33.14 1.77 23.78
N TYR A 226 -32.74 1.89 22.52
CA TYR A 226 -32.24 3.16 21.97
C TYR A 226 -33.09 4.40 22.22
N GLU A 227 -32.43 5.54 22.49
CA GLU A 227 -33.12 6.83 22.47
C GLU A 227 -32.66 7.66 21.27
N PHE A 228 -33.56 8.49 20.75
CA PHE A 228 -33.31 9.17 19.48
C PHE A 228 -32.89 10.61 19.64
N GLU A 229 -31.60 10.83 19.89
CA GLU A 229 -31.10 12.17 20.05
C GLU A 229 -30.60 12.73 18.73
N ALA A 230 -30.64 14.05 18.62
CA ALA A 230 -30.00 14.76 17.53
C ALA A 230 -28.52 14.97 17.86
N TYR A 231 -27.74 15.33 16.85
CA TYR A 231 -26.32 15.60 17.05
C TYR A 231 -26.14 16.95 17.74
N HIS A 232 -25.26 17.01 18.73
CA HIS A 232 -24.94 18.30 19.32
C HIS A 232 -23.43 18.56 19.36
N GLU A 233 -23.04 19.73 18.84
CA GLU A 233 -21.63 20.05 18.55
C GLU A 233 -20.68 19.95 19.74
N GLU A 234 -21.03 20.53 20.89
CA GLU A 234 -20.19 20.42 22.07
C GLU A 234 -20.31 19.02 22.70
N SER A 235 -20.91 18.08 21.97
CA SER A 235 -20.96 16.70 22.41
C SER A 235 -20.31 15.79 21.37
N HIS A 236 -19.65 16.41 20.39
CA HIS A 236 -19.07 15.71 19.26
C HIS A 236 -18.17 14.53 19.60
N PHE A 237 -18.45 13.37 19.00
CA PHE A 237 -17.52 12.27 19.01
C PHE A 237 -17.34 11.78 17.58
N PRO A 238 -16.12 11.30 17.23
CA PRO A 238 -15.72 10.87 15.88
C PRO A 238 -16.51 9.69 15.34
N VAL A 239 -17.09 9.88 14.16
CA VAL A 239 -17.68 8.81 13.37
C VAL A 239 -17.26 9.06 11.92
N ASN A 240 -16.06 8.63 11.53
CA ASN A 240 -15.64 8.78 10.14
C ASN A 240 -14.83 7.57 9.62
N PHE A 241 -15.07 7.23 8.36
CA PHE A 241 -14.45 6.07 7.72
C PHE A 241 -12.91 6.10 7.80
N TRP A 242 -12.34 7.31 7.86
CA TRP A 242 -10.91 7.44 8.00
C TRP A 242 -10.46 7.22 9.41
N HIS A 243 -11.40 7.16 10.35
CA HIS A 243 -11.04 7.07 11.77
C HIS A 243 -10.15 8.26 12.15
N ASP A 244 -10.31 9.37 11.42
CA ASP A 244 -9.57 10.59 11.68
C ASP A 244 -10.29 11.31 12.82
N ASN A 245 -9.70 11.31 14.00
CA ASN A 245 -10.37 11.82 15.20
C ASN A 245 -10.20 13.32 15.40
N ARG A 246 -9.69 14.02 14.39
CA ARG A 246 -9.66 15.46 14.44
C ARG A 246 -10.99 15.92 13.88
N MET A 247 -11.74 14.95 13.36
CA MET A 247 -12.96 15.20 12.60
C MET A 247 -14.18 14.63 13.30
N ARG B 42 23.63 -4.15 21.92
CA ARG B 42 24.41 -3.19 21.16
C ARG B 42 23.54 -2.51 20.12
N LYS B 43 22.26 -2.88 20.11
CA LYS B 43 21.38 -2.61 18.96
C LYS B 43 20.80 -1.22 18.98
N VAL B 44 20.82 -0.58 17.81
CA VAL B 44 20.40 0.82 17.69
C VAL B 44 19.53 0.99 16.46
N ALA B 45 18.39 1.64 16.64
CA ALA B 45 17.52 1.92 15.51
C ALA B 45 17.54 3.40 15.22
N TYR B 46 17.73 3.76 13.96
CA TYR B 46 17.72 5.16 13.56
C TYR B 46 16.47 5.46 12.75
N LEU B 47 15.41 5.91 13.45
CA LEU B 47 14.22 6.43 12.80
C LEU B 47 14.62 7.65 12.01
N THR B 48 14.30 7.69 10.73
CA THR B 48 14.58 8.87 9.94
C THR B 48 13.32 9.31 9.24
N PHE B 49 13.02 10.59 9.36
CA PHE B 49 11.78 11.11 8.83
C PHE B 49 12.14 12.11 7.76
N ASP B 50 11.46 11.96 6.63
CA ASP B 50 11.80 12.65 5.40
C ASP B 50 10.70 13.58 4.92
N ASP B 51 11.12 14.57 4.13
CA ASP B 51 10.27 15.51 3.40
C ASP B 51 9.67 16.62 4.28
N GLY B 52 9.97 16.59 5.58
CA GLY B 52 9.39 17.57 6.49
C GLY B 52 10.04 18.95 6.45
N PRO B 53 9.76 19.79 7.47
CA PRO B 53 8.75 19.48 8.49
C PRO B 53 7.34 19.66 7.92
N GLY B 54 6.34 19.32 8.70
CA GLY B 54 4.96 19.44 8.24
C GLY B 54 4.00 19.57 9.40
N LYS B 55 2.72 19.57 9.11
CA LYS B 55 1.67 19.85 10.10
C LYS B 55 1.45 18.74 11.14
N TYR B 56 2.06 17.58 10.92
CA TYR B 56 1.99 16.46 11.86
C TYR B 56 3.26 16.35 12.69
N THR B 57 4.29 17.09 12.26
CA THR B 57 5.65 17.00 12.79
C THR B 57 5.77 17.32 14.29
N ALA B 58 4.97 18.30 14.75
CA ALA B 58 4.90 18.64 16.18
C ALA B 58 4.36 17.48 17.02
N GLU B 59 3.22 16.92 16.60
CA GLU B 59 2.73 15.67 17.17
C GLU B 59 3.80 14.56 17.27
N LEU B 60 4.54 14.31 16.18
CA LEU B 60 5.63 13.31 16.21
C LEU B 60 6.71 13.74 17.20
N LEU B 61 7.04 15.02 17.23
CA LEU B 61 8.03 15.51 18.19
C LEU B 61 7.61 15.23 19.64
N ASN B 62 6.33 15.39 19.97
CA ASN B 62 5.89 15.09 21.33
C ASN B 62 5.99 13.60 21.65
N THR B 63 5.65 12.76 20.68
CA THR B 63 5.70 11.31 20.88
C THR B 63 7.13 10.87 21.13
N LEU B 64 8.05 11.37 20.32
CA LEU B 64 9.48 11.10 20.52
C LEU B 64 9.93 11.49 21.93
N LYS B 65 9.61 12.71 22.34
CA LYS B 65 10.06 13.20 23.65
C LYS B 65 9.50 12.37 24.81
N GLN B 66 8.21 12.02 24.76
CA GLN B 66 7.58 11.26 25.84
C GLN B 66 8.23 9.88 26.01
N HIS B 67 8.72 9.32 24.90
CA HIS B 67 9.38 8.02 24.92
C HIS B 67 10.88 8.10 25.04
N ASP B 68 11.40 9.30 25.25
CA ASP B 68 12.84 9.53 25.40
C ASP B 68 13.60 8.92 24.20
N ALA B 69 13.21 9.34 22.99
CA ALA B 69 13.78 8.74 21.80
C ALA B 69 14.26 9.81 20.82
N LYS B 70 15.34 9.50 20.10
CA LYS B 70 15.93 10.46 19.18
C LYS B 70 15.95 9.96 17.76
N ALA B 71 15.74 10.86 16.82
CA ALA B 71 15.58 10.48 15.43
C ALA B 71 16.27 11.49 14.54
N THR B 72 16.03 11.39 13.24
CA THR B 72 16.77 12.16 12.27
C THR B 72 15.84 12.69 11.23
N PHE B 73 16.02 13.94 10.87
CA PHE B 73 15.08 14.58 9.95
C PHE B 73 15.81 15.14 8.76
N PHE B 74 15.23 14.84 7.61
CA PHE B 74 15.80 15.22 6.34
C PHE B 74 14.80 16.10 5.72
N LEU B 75 15.15 17.35 5.52
CA LEU B 75 14.14 18.36 5.26
C LEU B 75 14.18 18.91 3.83
N ILE B 76 13.00 19.19 3.29
CA ILE B 76 12.93 19.91 2.03
C ILE B 76 12.99 21.39 2.40
N GLY B 77 13.85 22.14 1.73
CA GLY B 77 14.05 23.54 2.05
C GLY B 77 12.78 24.35 2.04
N ALA B 78 11.88 24.02 1.12
CA ALA B 78 10.60 24.73 1.06
C ALA B 78 9.90 24.66 2.42
N ASN B 79 9.96 23.51 3.06
CA ASN B 79 9.41 23.35 4.40
C ASN B 79 10.28 23.93 5.50
N VAL B 80 11.60 23.95 5.29
CA VAL B 80 12.49 24.62 6.22
C VAL B 80 12.04 26.07 6.38
N LYS B 81 11.73 26.68 5.25
CA LYS B 81 11.29 28.07 5.21
C LYS B 81 9.92 28.25 5.86
N GLU B 82 8.97 27.44 5.44
CA GLU B 82 7.60 27.57 5.91
C GLU B 82 7.48 27.28 7.42
N PHE B 83 8.23 26.31 7.94
CA PHE B 83 8.09 25.93 9.35
C PHE B 83 9.40 26.05 10.11
N PRO B 84 9.98 27.26 10.16
CA PRO B 84 11.32 27.41 10.72
C PRO B 84 11.37 27.10 12.23
N ASP B 85 10.27 27.31 12.94
CA ASP B 85 10.24 26.96 14.35
C ASP B 85 10.29 25.46 14.59
N LEU B 86 9.66 24.69 13.69
CA LEU B 86 9.70 23.23 13.78
C LEU B 86 11.10 22.68 13.52
N VAL B 87 11.82 23.25 12.56
CA VAL B 87 13.23 22.90 12.37
C VAL B 87 14.01 23.13 13.66
N LYS B 88 13.87 24.33 14.21
CA LYS B 88 14.59 24.77 15.40
C LYS B 88 14.30 23.87 16.60
N ARG B 89 13.05 23.46 16.75
CA ARG B 89 12.68 22.56 17.82
C ARG B 89 13.29 21.15 17.65
N GLU B 90 13.42 20.65 16.41
CA GLU B 90 13.97 19.30 16.20
C GLU B 90 15.41 19.22 16.70
N ASN B 91 16.21 20.16 16.23
CA ASN B 91 17.55 20.30 16.71
C ASN B 91 17.64 20.53 18.22
N ALA B 92 16.66 21.24 18.76
CA ALA B 92 16.68 21.58 20.18
C ALA B 92 16.25 20.40 21.05
N GLU B 93 15.56 19.43 20.47
CA GLU B 93 15.05 18.33 21.30
C GLU B 93 15.94 17.08 21.22
N GLY B 94 17.09 17.18 20.56
CA GLY B 94 18.03 16.06 20.50
C GLY B 94 17.93 15.21 19.25
N HIS B 95 17.54 15.82 18.14
CA HIS B 95 17.41 15.07 16.90
C HIS B 95 18.42 15.61 15.94
N TYR B 96 18.75 14.82 14.92
CA TYR B 96 19.66 15.28 13.90
C TYR B 96 18.86 15.94 12.84
N VAL B 97 19.39 17.03 12.30
CA VAL B 97 18.71 17.73 11.23
C VAL B 97 19.55 17.64 9.97
N GLY B 98 19.10 16.90 8.97
CA GLY B 98 19.90 16.73 7.76
C GLY B 98 19.22 17.35 6.58
N MET B 99 19.81 17.27 5.39
CA MET B 99 19.16 17.83 4.21
C MET B 99 18.47 16.78 3.28
N HIS B 100 17.42 17.22 2.60
CA HIS B 100 16.67 16.41 1.63
C HIS B 100 16.32 17.23 0.37
N SER B 101 17.17 18.21 0.06
CA SER B 101 17.10 19.07 -1.14
C SER B 101 16.12 20.24 -1.05
N MET B 102 16.11 21.02 -2.13
CA MET B 102 15.16 22.10 -2.39
C MET B 102 13.92 21.62 -3.11
N THR B 103 14.13 21.11 -4.33
CA THR B 103 13.07 20.75 -5.26
C THR B 103 12.49 19.33 -5.16
N HIS B 104 13.23 18.39 -4.58
CA HIS B 104 12.83 16.96 -4.55
C HIS B 104 12.48 16.46 -5.96
N ASN B 105 13.09 17.05 -6.96
CA ASN B 105 12.84 16.74 -8.35
C ASN B 105 13.98 15.87 -8.94
N PHE B 106 13.67 14.62 -9.27
CA PHE B 106 14.65 13.67 -9.79
C PHE B 106 15.47 14.21 -10.95
N ALA B 107 14.82 14.89 -11.88
CA ALA B 107 15.48 15.38 -13.09
C ALA B 107 16.50 16.45 -12.72
N LYS B 108 16.10 17.41 -11.89
CA LYS B 108 17.00 18.49 -11.54
C LYS B 108 18.19 17.99 -10.74
N LEU B 109 17.94 17.07 -9.81
CA LEU B 109 18.97 16.55 -8.92
C LEU B 109 20.02 15.72 -9.64
N TYR B 110 19.57 14.81 -10.50
CA TYR B 110 20.42 13.73 -10.96
C TYR B 110 20.74 13.81 -12.45
N LYS B 111 19.70 13.96 -13.27
CA LYS B 111 19.89 14.17 -14.69
C LYS B 111 20.62 15.51 -14.94
N ASN B 112 20.28 16.55 -14.18
CA ASN B 112 20.92 17.85 -14.37
C ASN B 112 22.11 18.05 -13.43
N GLY B 113 22.17 17.24 -12.38
CA GLY B 113 23.33 17.24 -11.50
C GLY B 113 23.33 18.42 -10.55
N GLU B 114 22.17 18.69 -9.95
CA GLU B 114 22.02 19.81 -9.03
C GLU B 114 22.05 19.31 -7.60
N TYR B 115 22.25 18.01 -7.42
CA TYR B 115 22.21 17.43 -6.08
C TYR B 115 23.01 18.21 -5.04
N VAL B 116 24.28 18.48 -5.31
CA VAL B 116 25.17 19.04 -4.28
C VAL B 116 24.83 20.52 -4.01
N ASN B 117 24.64 21.31 -5.07
CA ASN B 117 24.01 22.62 -4.98
C ASN B 117 22.81 22.64 -4.06
N GLU B 118 21.80 21.87 -4.43
CA GLU B 118 20.52 21.91 -3.72
C GLU B 118 20.67 21.50 -2.26
N MET B 119 21.66 20.66 -1.97
CA MET B 119 21.85 20.23 -0.60
C MET B 119 22.60 21.29 0.20
N LYS B 120 23.38 22.12 -0.50
CA LYS B 120 24.12 23.17 0.18
C LYS B 120 23.20 24.36 0.41
N GLU B 121 22.24 24.58 -0.49
CA GLU B 121 21.22 25.60 -0.28
C GLU B 121 20.42 25.17 0.91
N ASP B 122 20.04 23.90 0.93
CA ASP B 122 19.30 23.37 2.05
C ASP B 122 20.08 23.51 3.34
N GLN B 123 21.39 23.25 3.24
CA GLN B 123 22.31 23.39 4.36
C GLN B 123 22.34 24.82 4.90
N GLY B 124 22.45 25.79 4.00
CA GLY B 124 22.50 27.19 4.37
C GLY B 124 21.26 27.62 5.13
N LEU B 125 20.10 27.29 4.58
CA LEU B 125 18.84 27.62 5.21
C LEU B 125 18.77 27.06 6.62
N ILE B 126 19.14 25.79 6.79
CA ILE B 126 19.07 25.15 8.09
C ILE B 126 20.05 25.77 9.10
N ALA B 127 21.21 26.21 8.63
CA ALA B 127 22.21 26.81 9.52
C ALA B 127 21.71 28.11 10.17
N ASN B 128 21.13 28.99 9.35
CA ASN B 128 20.53 30.24 9.80
C ASN B 128 19.58 30.09 10.99
N ILE B 129 18.96 28.92 11.12
CA ILE B 129 18.03 28.64 12.20
C ILE B 129 18.69 27.94 13.39
N ILE B 130 19.62 27.02 13.13
CA ILE B 130 20.18 26.22 14.22
C ILE B 130 21.70 26.39 14.49
N GLY B 131 22.42 27.12 13.64
CA GLY B 131 23.83 27.38 13.90
C GLY B 131 24.81 26.28 13.46
N LYS B 132 24.29 25.17 12.96
CA LYS B 132 25.11 24.07 12.44
C LYS B 132 25.00 24.00 10.95
N SER B 133 26.08 23.62 10.27
CA SER B 133 25.97 23.24 8.88
C SER B 133 26.07 21.72 8.84
N PRO B 134 24.92 21.03 8.85
CA PRO B 134 24.92 19.57 8.93
C PRO B 134 25.51 19.00 7.65
N LYS B 135 26.07 17.80 7.69
CA LYS B 135 26.74 17.23 6.52
C LYS B 135 26.00 16.07 5.89
N LEU B 136 25.08 15.46 6.63
CA LEU B 136 24.36 14.29 6.14
C LEU B 136 23.22 14.67 5.20
N THR B 137 23.22 14.05 4.03
CA THR B 137 22.16 14.24 3.07
C THR B 137 21.42 12.93 2.95
N ARG B 138 20.12 13.02 2.72
CA ARG B 138 19.31 11.86 2.35
C ARG B 138 18.72 12.18 1.00
N PRO B 139 19.16 11.42 -0.01
CA PRO B 139 18.78 11.66 -1.40
C PRO B 139 17.30 11.37 -1.60
N PRO B 140 16.59 12.25 -2.32
CA PRO B 140 15.21 11.96 -2.72
C PRO B 140 15.18 10.76 -3.67
N TYR B 141 14.17 9.90 -3.52
CA TYR B 141 13.99 8.67 -4.30
C TYR B 141 15.17 7.69 -4.11
N GLY B 142 15.95 7.92 -3.07
CA GLY B 142 17.15 7.14 -2.78
C GLY B 142 18.30 7.50 -3.71
N SER B 143 19.52 7.11 -3.32
CA SER B 143 20.74 7.29 -4.14
C SER B 143 20.78 6.44 -5.42
N MET B 144 20.35 5.19 -5.32
CA MET B 144 20.27 4.29 -6.46
C MET B 144 18.97 4.50 -7.25
N PRO B 145 19.06 4.76 -8.58
CA PRO B 145 20.16 4.91 -9.53
C PRO B 145 20.64 6.35 -9.69
N GLY B 146 20.00 7.32 -9.03
CA GLY B 146 20.25 8.73 -9.34
C GLY B 146 21.64 9.30 -9.04
N LEU B 147 22.18 8.98 -7.89
CA LEU B 147 23.46 9.53 -7.51
C LEU B 147 24.59 8.77 -8.22
N ASN B 148 24.89 9.18 -9.45
CA ASN B 148 25.92 8.52 -10.24
C ASN B 148 27.30 8.82 -9.68
N GLU B 149 28.34 8.36 -10.36
CA GLU B 149 29.70 8.48 -9.85
C GLU B 149 30.19 9.92 -9.87
N GLY B 150 29.77 10.68 -10.88
CA GLY B 150 30.06 12.10 -10.95
C GLY B 150 29.60 12.81 -9.69
N LEU B 151 28.30 12.74 -9.41
CA LEU B 151 27.71 13.36 -8.23
C LEU B 151 28.33 12.80 -6.97
N ARG B 152 28.51 11.48 -6.93
CA ARG B 152 29.12 10.86 -5.75
C ARG B 152 30.52 11.43 -5.47
N ASN B 153 31.27 11.74 -6.52
CA ASN B 153 32.57 12.37 -6.31
C ASN B 153 32.38 13.76 -5.74
N LYS B 154 31.46 14.51 -6.36
CA LYS B 154 31.13 15.86 -5.91
C LYS B 154 30.67 15.88 -4.46
N VAL B 155 29.84 14.91 -4.09
CA VAL B 155 29.38 14.76 -2.72
C VAL B 155 30.54 14.70 -1.74
N VAL B 156 31.54 13.91 -2.10
CA VAL B 156 32.71 13.70 -1.27
C VAL B 156 33.62 14.94 -1.26
N GLU B 157 33.75 15.58 -2.43
CA GLU B 157 34.60 16.75 -2.58
C GLU B 157 33.97 17.95 -1.89
N GLY B 158 32.66 17.88 -1.69
CA GLY B 158 31.95 18.92 -0.97
C GLY B 158 31.90 18.66 0.52
N GLY B 159 32.44 17.52 0.94
CA GLY B 159 32.42 17.14 2.34
C GLY B 159 31.06 16.73 2.88
N PHE B 160 30.12 16.41 1.99
CA PHE B 160 28.81 15.92 2.42
C PHE B 160 28.79 14.43 2.68
N LYS B 161 27.70 13.98 3.30
CA LYS B 161 27.49 12.56 3.56
C LYS B 161 26.13 12.08 3.02
N VAL B 162 26.05 10.82 2.60
CA VAL B 162 24.83 10.32 2.01
C VAL B 162 24.23 9.13 2.75
N TRP B 163 23.04 9.32 3.34
CA TRP B 163 22.35 8.20 3.93
C TRP B 163 21.14 7.74 3.12
N ASP B 164 21.13 6.45 2.77
CA ASP B 164 19.92 5.80 2.31
C ASP B 164 19.30 5.15 3.55
N TRP B 165 18.78 3.93 3.39
CA TRP B 165 18.10 3.25 4.49
C TRP B 165 18.23 1.74 4.34
N THR B 166 18.06 1.01 5.43
CA THR B 166 18.04 -0.45 5.37
C THR B 166 16.65 -1.00 5.67
N ILE B 167 15.67 -0.14 5.95
CA ILE B 167 14.27 -0.56 6.13
C ILE B 167 13.35 0.47 5.57
N ASP B 168 12.51 0.06 4.62
CA ASP B 168 11.53 0.95 4.01
C ASP B 168 10.14 0.67 4.56
N SER B 169 9.65 1.59 5.38
CA SER B 169 8.38 1.42 6.07
C SER B 169 7.23 1.39 5.08
N LEU B 170 7.47 1.94 3.89
CA LEU B 170 6.44 2.09 2.85
C LEU B 170 5.27 2.94 3.34
N ASP B 171 5.56 3.80 4.31
CA ASP B 171 4.50 4.44 5.07
C ASP B 171 3.56 5.28 4.20
N TRP B 172 4.12 5.98 3.21
CA TRP B 172 3.34 6.93 2.43
C TRP B 172 2.39 6.26 1.46
N ARG B 173 2.53 4.96 1.27
CA ARG B 173 1.65 4.24 0.35
C ARG B 173 0.29 3.96 1.00
N TYR B 174 0.29 3.74 2.31
CA TYR B 174 -0.93 3.42 3.05
C TYR B 174 -1.84 4.66 3.23
N ASN B 175 -2.18 5.30 2.12
CA ASN B 175 -2.95 6.53 2.22
C ASN B 175 -4.40 6.43 1.71
N LYS B 176 -4.93 5.21 1.62
CA LYS B 176 -6.28 5.00 1.11
C LYS B 176 -7.00 4.03 2.04
N MET B 177 -6.75 4.20 3.33
CA MET B 177 -7.35 3.35 4.35
C MET B 177 -7.50 4.10 5.67
N PRO B 178 -8.32 3.57 6.59
CA PRO B 178 -8.40 4.17 7.92
C PRO B 178 -7.00 4.34 8.53
N VAL B 179 -6.71 5.53 9.05
CA VAL B 179 -5.37 5.90 9.50
C VAL B 179 -4.79 4.95 10.55
N ASP B 180 -5.61 4.51 11.49
CA ASP B 180 -5.16 3.60 12.53
C ASP B 180 -4.79 2.22 12.01
N ALA B 181 -5.51 1.75 10.99
CA ALA B 181 -5.27 0.44 10.44
C ALA B 181 -4.00 0.48 9.60
N ALA B 182 -3.88 1.54 8.80
CA ALA B 182 -2.66 1.86 8.06
C ALA B 182 -1.44 1.93 8.96
N ALA B 183 -1.60 2.53 10.13
CA ALA B 183 -0.48 2.67 11.06
C ALA B 183 -0.09 1.31 11.63
N ALA B 184 -1.07 0.45 11.84
CA ALA B 184 -0.78 -0.91 12.29
C ALA B 184 0.06 -1.69 11.25
N GLN B 185 -0.24 -1.50 9.97
CA GLN B 185 0.46 -2.24 8.93
C GLN B 185 1.85 -1.66 8.70
N ILE B 186 1.98 -0.35 8.93
CA ILE B 186 3.27 0.33 8.80
C ILE B 186 4.19 -0.05 9.96
N ALA B 187 3.63 -0.27 11.14
CA ALA B 187 4.45 -0.72 12.25
C ALA B 187 4.90 -2.16 12.02
N GLN B 188 3.98 -2.95 11.48
CA GLN B 188 4.22 -4.36 11.24
C GLN B 188 5.38 -4.52 10.24
N ASN B 189 5.32 -3.80 9.13
CA ASN B 189 6.45 -3.72 8.21
C ASN B 189 7.78 -3.48 8.91
N VAL B 190 7.85 -2.38 9.65
CA VAL B 190 9.04 -1.99 10.39
C VAL B 190 9.47 -3.03 11.41
N LEU B 191 8.53 -3.43 12.26
CA LEU B 191 8.87 -4.33 13.36
C LEU B 191 9.42 -5.68 12.86
N THR B 192 8.87 -6.22 11.76
CA THR B 192 9.29 -7.53 11.29
C THR B 192 10.51 -7.50 10.34
N ASN B 193 11.07 -6.32 10.09
CA ASN B 193 12.29 -6.21 9.29
C ASN B 193 13.51 -5.74 10.05
N ALA B 194 13.29 -5.29 11.28
CA ALA B 194 14.38 -4.98 12.19
C ALA B 194 15.04 -6.28 12.62
N THR B 195 16.21 -6.55 12.05
CA THR B 195 16.91 -7.79 12.36
C THR B 195 18.36 -7.48 12.65
N LYS B 196 18.89 -6.48 11.95
CA LYS B 196 20.30 -6.12 12.06
C LYS B 196 20.58 -5.32 13.31
N PRO B 197 21.83 -5.33 13.79
CA PRO B 197 22.14 -4.52 14.97
C PRO B 197 21.99 -3.02 14.71
N GLN B 198 21.99 -2.61 13.44
CA GLN B 198 21.72 -1.22 13.05
C GLN B 198 20.72 -1.12 11.93
N GLU B 199 19.57 -0.54 12.21
CA GLU B 199 18.55 -0.35 11.18
C GLU B 199 18.28 1.15 10.96
N VAL B 200 18.27 1.53 9.69
CA VAL B 200 17.94 2.89 9.29
C VAL B 200 16.55 2.89 8.67
N ILE B 201 15.56 3.21 9.48
CA ILE B 201 14.17 3.06 9.12
C ILE B 201 13.67 4.29 8.41
N LEU B 202 13.21 4.10 7.18
CA LEU B 202 12.75 5.21 6.36
C LEU B 202 11.29 5.48 6.60
N MET B 203 10.97 6.69 7.08
CA MET B 203 9.59 7.14 7.17
C MET B 203 9.47 8.56 6.66
N HIS B 204 8.26 9.09 6.79
CA HIS B 204 7.95 10.44 6.31
C HIS B 204 7.06 11.10 7.36
N ASP B 205 7.49 12.20 7.96
CA ASP B 205 6.67 12.80 9.02
C ASP B 205 5.53 13.66 8.46
N ILE B 206 5.49 13.83 7.14
CA ILE B 206 4.41 14.54 6.48
C ILE B 206 3.17 13.68 6.10
N HIS B 207 2.96 12.51 6.71
CA HIS B 207 1.71 11.78 6.50
C HIS B 207 1.17 11.37 7.86
N PRO B 208 -0.15 11.47 8.04
CA PRO B 208 -0.81 11.11 9.29
C PRO B 208 -0.56 9.65 9.70
N GLN B 209 -0.69 8.70 8.76
CA GLN B 209 -0.57 7.29 9.10
C GLN B 209 0.84 6.96 9.60
N SER B 210 1.83 7.69 9.08
CA SER B 210 3.22 7.53 9.51
C SER B 210 3.44 7.94 10.98
N VAL B 211 2.99 9.13 11.34
CA VAL B 211 3.20 9.57 12.71
C VAL B 211 2.36 8.73 13.68
N ALA B 212 1.17 8.32 13.22
CA ALA B 212 0.28 7.45 13.99
C ALA B 212 0.88 6.07 14.23
N ALA B 213 1.74 5.64 13.30
CA ALA B 213 2.48 4.38 13.37
C ALA B 213 3.66 4.37 14.34
N VAL B 214 4.16 5.56 14.67
CA VAL B 214 5.39 5.70 15.46
C VAL B 214 5.30 5.10 16.88
N PRO B 215 4.16 5.23 17.55
CA PRO B 215 4.19 4.64 18.89
C PRO B 215 4.34 3.11 18.89
N ALA B 216 3.62 2.40 18.01
CA ALA B 216 3.69 0.93 17.97
C ALA B 216 5.11 0.51 17.65
N ILE B 217 5.66 1.16 16.62
CA ILE B 217 7.07 1.06 16.28
C ILE B 217 8.04 1.22 17.45
N LEU B 218 7.90 2.30 18.21
CA LEU B 218 8.79 2.56 19.34
C LEU B 218 8.73 1.46 20.36
N LYS B 219 7.52 0.95 20.60
CA LYS B 219 7.29 -0.06 21.63
C LYS B 219 7.86 -1.42 21.22
N GLY B 220 7.76 -1.72 19.93
CA GLY B 220 8.14 -3.01 19.40
C GLY B 220 9.64 -3.20 19.38
N LEU B 221 10.33 -2.27 18.73
CA LEU B 221 11.79 -2.34 18.64
C LEU B 221 12.41 -2.38 20.03
N LYS B 222 11.78 -1.69 20.99
CA LYS B 222 12.26 -1.69 22.37
C LYS B 222 12.23 -3.09 23.00
N GLU B 223 11.18 -3.86 22.70
CA GLU B 223 11.10 -5.24 23.18
C GLU B 223 12.13 -6.12 22.46
N LYS B 224 12.50 -5.72 21.25
CA LYS B 224 13.51 -6.45 20.51
C LYS B 224 14.91 -5.97 20.89
N GLY B 225 14.99 -4.85 21.61
CA GLY B 225 16.24 -4.43 22.22
C GLY B 225 16.95 -3.25 21.59
N TYR B 226 16.27 -2.55 20.68
CA TYR B 226 16.86 -1.37 20.07
C TYR B 226 16.81 -0.17 21.00
N GLU B 227 17.78 0.73 20.87
CA GLU B 227 17.66 2.10 21.37
C GLU B 227 17.36 2.96 20.17
N PHE B 228 16.75 4.11 20.40
CA PHE B 228 16.44 5.00 19.29
C PHE B 228 17.32 6.23 19.32
N GLU B 229 18.63 6.02 19.17
CA GLU B 229 19.54 7.13 18.99
C GLU B 229 19.29 7.86 17.68
N ALA B 230 19.82 9.08 17.59
CA ALA B 230 19.86 9.80 16.33
C ALA B 230 21.24 9.63 15.70
N TYR B 231 21.37 10.08 14.45
CA TYR B 231 22.64 10.15 13.75
C TYR B 231 23.58 11.09 14.46
N HIS B 232 24.84 10.66 14.66
CA HIS B 232 25.89 11.57 15.10
C HIS B 232 26.96 11.65 14.03
N GLU B 233 27.41 12.86 13.72
CA GLU B 233 28.42 13.06 12.68
C GLU B 233 29.78 12.49 13.07
N GLU B 234 30.06 12.45 14.37
CA GLU B 234 31.34 11.94 14.84
C GLU B 234 31.42 10.44 14.59
N SER B 235 30.26 9.78 14.63
CA SER B 235 30.21 8.32 14.58
C SER B 235 29.69 7.77 13.26
N HIS B 236 29.97 8.47 12.15
CA HIS B 236 29.44 8.09 10.86
C HIS B 236 29.90 6.71 10.40
N PHE B 237 28.93 5.86 10.08
CA PHE B 237 29.21 4.61 9.41
C PHE B 237 28.38 4.62 8.12
N PRO B 238 28.96 4.14 7.01
CA PRO B 238 28.29 4.35 5.72
C PRO B 238 26.97 3.58 5.62
N VAL B 239 25.97 4.19 4.99
CA VAL B 239 24.69 3.54 4.66
C VAL B 239 24.14 4.12 3.32
N ASN B 240 24.68 3.64 2.19
CA ASN B 240 24.08 3.76 0.85
C ASN B 240 23.90 2.44 0.06
N PHE B 241 23.32 2.58 -1.14
CA PHE B 241 23.02 1.47 -2.05
C PHE B 241 24.15 1.19 -3.05
N TRP B 242 25.08 2.14 -3.17
CA TRP B 242 26.26 2.00 -4.04
C TRP B 242 27.42 1.38 -3.31
N HIS B 243 27.23 1.07 -2.02
CA HIS B 243 28.29 0.51 -1.17
C HIS B 243 29.55 1.39 -1.23
N ASP B 244 29.33 2.71 -1.24
CA ASP B 244 30.39 3.70 -1.37
C ASP B 244 30.71 4.25 0.01
N ASN B 245 31.80 3.76 0.61
CA ASN B 245 32.06 4.07 2.02
C ASN B 245 32.87 5.33 2.19
N ARG B 246 32.94 6.12 1.12
CA ARG B 246 33.46 7.48 1.20
C ARG B 246 32.38 8.48 1.66
N MET B 247 31.11 8.11 1.55
CA MET B 247 30.04 9.04 1.92
C MET B 247 29.11 8.43 2.96
N ARG C 42 20.74 -30.82 9.84
CA ARG C 42 22.10 -30.44 9.49
C ARG C 42 22.21 -28.94 9.23
N LYS C 43 23.09 -28.28 9.97
CA LYS C 43 23.32 -26.85 9.83
C LYS C 43 24.33 -26.55 8.71
N VAL C 44 23.84 -26.04 7.59
CA VAL C 44 24.69 -25.76 6.44
C VAL C 44 24.99 -24.26 6.31
N ALA C 45 26.23 -23.96 5.92
CA ALA C 45 26.65 -22.59 5.67
C ALA C 45 26.98 -22.38 4.19
N TYR C 46 26.19 -21.58 3.48
CA TYR C 46 26.45 -21.32 2.07
C TYR C 46 27.20 -20.00 1.88
N LEU C 47 28.53 -20.11 1.82
CA LEU C 47 29.36 -18.98 1.44
C LEU C 47 29.07 -18.64 -0.02
N THR C 48 28.85 -17.37 -0.29
CA THR C 48 28.59 -16.94 -1.63
C THR C 48 29.49 -15.74 -1.94
N PHE C 49 29.95 -15.64 -3.19
CA PHE C 49 30.91 -14.61 -3.56
C PHE C 49 30.51 -13.89 -4.84
N ASP C 50 30.47 -12.57 -4.75
CA ASP C 50 29.89 -11.72 -5.78
C ASP C 50 30.93 -10.95 -6.58
N ASP C 51 30.59 -10.66 -7.83
CA ASP C 51 31.28 -9.68 -8.67
C ASP C 51 32.63 -10.19 -9.16
N GLY C 52 32.87 -11.49 -9.02
CA GLY C 52 34.11 -12.07 -9.45
C GLY C 52 34.10 -12.49 -10.91
N PRO C 53 35.21 -13.13 -11.36
CA PRO C 53 36.39 -13.31 -10.51
C PRO C 53 37.25 -12.05 -10.40
N GLY C 54 38.20 -12.08 -9.46
CA GLY C 54 39.05 -10.93 -9.20
C GLY C 54 40.44 -11.42 -8.88
N LYS C 55 41.34 -10.50 -8.55
CA LYS C 55 42.76 -10.84 -8.39
C LYS C 55 43.06 -11.54 -7.06
N TYR C 56 42.04 -11.66 -6.21
CA TYR C 56 42.21 -12.35 -4.95
C TYR C 56 41.51 -13.70 -4.99
N THR C 57 40.91 -14.01 -6.15
CA THR C 57 40.04 -15.17 -6.23
C THR C 57 40.86 -16.43 -6.08
N ALA C 58 42.02 -16.49 -6.72
CA ALA C 58 42.85 -17.69 -6.65
C ALA C 58 43.29 -17.90 -5.22
N GLU C 59 43.65 -16.79 -4.58
CA GLU C 59 44.00 -16.81 -3.17
C GLU C 59 42.86 -17.48 -2.38
N LEU C 60 41.63 -17.08 -2.67
CA LEU C 60 40.46 -17.57 -1.95
C LEU C 60 40.23 -19.06 -2.25
N LEU C 61 40.27 -19.44 -3.51
CA LEU C 61 40.15 -20.86 -3.89
C LEU C 61 41.15 -21.77 -3.19
N ASN C 62 42.37 -21.26 -2.94
CA ASN C 62 43.37 -22.02 -2.21
C ASN C 62 42.97 -22.18 -0.75
N THR C 63 42.58 -21.06 -0.15
CA THR C 63 42.10 -21.01 1.23
C THR C 63 40.93 -21.97 1.50
N LEU C 64 39.94 -21.96 0.60
CA LEU C 64 38.77 -22.84 0.70
C LEU C 64 39.12 -24.33 0.54
N LYS C 65 40.09 -24.64 -0.31
CA LYS C 65 40.48 -26.03 -0.59
C LYS C 65 41.12 -26.68 0.62
N GLN C 66 41.98 -25.93 1.31
CA GLN C 66 42.60 -26.38 2.54
C GLN C 66 41.55 -26.74 3.59
N HIS C 67 40.39 -26.09 3.54
CA HIS C 67 39.39 -26.35 4.56
C HIS C 67 38.31 -27.27 4.05
N ASP C 68 38.53 -27.78 2.85
CA ASP C 68 37.63 -28.75 2.27
C ASP C 68 36.23 -28.15 2.24
N ALA C 69 36.19 -26.86 1.92
CA ALA C 69 34.95 -26.08 1.95
C ALA C 69 34.46 -25.74 0.55
N LYS C 70 33.17 -25.91 0.34
CA LYS C 70 32.56 -25.63 -0.95
C LYS C 70 31.76 -24.33 -0.88
N ALA C 71 31.66 -23.62 -1.99
CA ALA C 71 31.15 -22.26 -1.99
C ALA C 71 30.38 -21.95 -3.26
N THR C 72 29.78 -20.76 -3.33
CA THR C 72 29.11 -20.33 -4.55
C THR C 72 29.64 -18.98 -5.01
N PHE C 73 29.86 -18.87 -6.31
CA PHE C 73 30.35 -17.68 -6.97
C PHE C 73 29.31 -17.18 -7.96
N PHE C 74 29.04 -15.89 -7.92
CA PHE C 74 28.11 -15.25 -8.82
C PHE C 74 28.89 -14.25 -9.63
N LEU C 75 29.18 -14.62 -10.87
CA LEU C 75 30.19 -13.92 -11.64
C LEU C 75 29.61 -12.84 -12.54
N ILE C 76 30.34 -11.75 -12.69
CA ILE C 76 29.93 -10.72 -13.64
C ILE C 76 30.46 -11.09 -15.03
N GLY C 77 29.72 -10.73 -16.06
CA GLY C 77 30.05 -11.07 -17.43
C GLY C 77 31.46 -10.73 -17.87
N ALA C 78 31.86 -9.48 -17.64
CA ALA C 78 33.17 -9.00 -18.09
C ALA C 78 34.34 -9.69 -17.39
N ASN C 79 34.11 -10.09 -16.14
CA ASN C 79 35.10 -10.81 -15.35
C ASN C 79 35.23 -12.27 -15.78
N VAL C 80 34.16 -12.80 -16.36
CA VAL C 80 34.19 -14.13 -16.94
C VAL C 80 35.07 -14.07 -18.18
N LYS C 81 34.91 -12.99 -18.96
CA LYS C 81 35.70 -12.83 -20.17
C LYS C 81 37.18 -12.69 -19.82
N GLU C 82 37.48 -11.98 -18.75
CA GLU C 82 38.86 -11.65 -18.47
C GLU C 82 39.56 -12.72 -17.62
N PHE C 83 38.80 -13.48 -16.84
CA PHE C 83 39.40 -14.56 -16.03
C PHE C 83 38.87 -15.97 -16.34
N PRO C 84 38.88 -16.39 -17.61
CA PRO C 84 38.29 -17.71 -17.92
C PRO C 84 38.88 -18.85 -17.09
N ASP C 85 40.17 -18.78 -16.78
CA ASP C 85 40.83 -19.79 -15.94
C ASP C 85 40.22 -19.98 -14.56
N LEU C 86 40.14 -18.88 -13.80
CA LEU C 86 39.58 -18.91 -12.45
C LEU C 86 38.15 -19.44 -12.47
N VAL C 87 37.41 -19.08 -13.52
CA VAL C 87 36.05 -19.59 -13.70
C VAL C 87 36.04 -21.11 -13.82
N LYS C 88 36.93 -21.62 -14.68
CA LYS C 88 37.07 -23.06 -14.90
C LYS C 88 37.51 -23.74 -13.61
N ARG C 89 38.27 -23.00 -12.82
CA ARG C 89 38.84 -23.55 -11.61
C ARG C 89 37.80 -23.65 -10.52
N GLU C 90 36.95 -22.63 -10.43
CA GLU C 90 35.89 -22.61 -9.44
C GLU C 90 35.00 -23.83 -9.63
N ASN C 91 34.60 -24.08 -10.87
CA ASN C 91 33.82 -25.28 -11.17
C ASN C 91 34.62 -26.55 -10.82
N ALA C 92 35.85 -26.62 -11.31
CA ALA C 92 36.68 -27.80 -11.14
C ALA C 92 36.92 -28.16 -9.68
N GLU C 93 36.80 -27.20 -8.77
CA GLU C 93 37.21 -27.47 -7.40
C GLU C 93 36.04 -27.70 -6.47
N GLY C 94 34.84 -27.79 -7.06
CA GLY C 94 33.67 -28.22 -6.33
C GLY C 94 32.72 -27.11 -5.96
N HIS C 95 32.92 -25.93 -6.52
CA HIS C 95 32.06 -24.81 -6.18
C HIS C 95 31.03 -24.58 -7.25
N TYR C 96 29.84 -24.12 -6.84
CA TYR C 96 28.81 -23.73 -7.77
C TYR C 96 29.22 -22.44 -8.47
N VAL C 97 29.04 -22.39 -9.79
CA VAL C 97 29.23 -21.13 -10.50
C VAL C 97 27.89 -20.57 -10.99
N GLY C 98 27.50 -19.39 -10.49
CA GLY C 98 26.23 -18.76 -10.84
C GLY C 98 26.40 -17.44 -11.58
N MET C 99 25.29 -16.80 -11.96
CA MET C 99 25.42 -15.55 -12.68
C MET C 99 25.09 -14.30 -11.81
N HIS C 100 25.60 -13.16 -12.24
CA HIS C 100 25.48 -11.90 -11.52
C HIS C 100 25.41 -10.79 -12.55
N SER C 101 24.94 -11.15 -13.75
CA SER C 101 24.66 -10.24 -14.87
C SER C 101 25.89 -9.73 -15.61
N MET C 102 25.64 -8.92 -16.63
CA MET C 102 26.68 -8.35 -17.49
C MET C 102 27.10 -6.94 -17.07
N THR C 103 26.15 -6.11 -16.63
CA THR C 103 26.46 -4.72 -16.40
C THR C 103 26.48 -4.35 -14.92
N HIS C 104 25.71 -5.07 -14.10
CA HIS C 104 25.60 -4.74 -12.69
C HIS C 104 25.12 -3.29 -12.57
N ASN C 105 24.33 -2.87 -13.56
CA ASN C 105 23.77 -1.52 -13.67
C ASN C 105 22.28 -1.54 -13.35
N PHE C 106 21.90 -0.79 -12.33
CA PHE C 106 20.57 -0.88 -11.74
C PHE C 106 19.45 -0.50 -12.73
N ALA C 107 19.68 0.52 -13.55
CA ALA C 107 18.67 1.04 -14.46
C ALA C 107 18.39 0.11 -15.63
N LYS C 108 19.45 -0.53 -16.14
CA LYS C 108 19.33 -1.50 -17.22
C LYS C 108 18.60 -2.75 -16.73
N LEU C 109 19.11 -3.32 -15.64
CA LEU C 109 18.58 -4.57 -15.13
C LEU C 109 17.11 -4.48 -14.78
N TYR C 110 16.72 -3.47 -14.02
CA TYR C 110 15.36 -3.47 -13.47
C TYR C 110 14.40 -2.46 -14.08
N LYS C 111 14.84 -1.21 -14.15
CA LYS C 111 14.03 -0.14 -14.71
C LYS C 111 13.79 -0.43 -16.18
N ASN C 112 14.85 -0.76 -16.92
CA ASN C 112 14.68 -1.08 -18.33
C ASN C 112 14.48 -2.55 -18.63
N GLY C 113 14.32 -3.34 -17.57
CA GLY C 113 13.87 -4.72 -17.65
C GLY C 113 14.80 -5.70 -18.34
N GLU C 114 16.11 -5.47 -18.25
CA GLU C 114 17.08 -6.30 -18.96
C GLU C 114 17.61 -7.45 -18.14
N TYR C 115 17.13 -7.59 -16.91
CA TYR C 115 17.66 -8.61 -16.00
C TYR C 115 17.89 -9.96 -16.65
N VAL C 116 16.79 -10.61 -17.02
CA VAL C 116 16.82 -11.94 -17.60
C VAL C 116 17.74 -12.06 -18.82
N ASN C 117 17.73 -11.04 -19.69
CA ASN C 117 18.63 -11.03 -20.85
C ASN C 117 20.10 -11.04 -20.47
N GLU C 118 20.45 -10.25 -19.47
CA GLU C 118 21.83 -10.22 -19.01
C GLU C 118 22.19 -11.50 -18.28
N MET C 119 21.24 -12.13 -17.59
CA MET C 119 21.55 -13.39 -16.94
C MET C 119 21.79 -14.48 -17.99
N LYS C 120 21.05 -14.40 -19.10
CA LYS C 120 21.12 -15.40 -20.15
C LYS C 120 22.45 -15.30 -20.92
N GLU C 121 22.85 -14.07 -21.22
CA GLU C 121 24.12 -13.82 -21.88
C GLU C 121 25.29 -14.20 -20.96
N ASP C 122 25.14 -13.92 -19.67
CA ASP C 122 26.16 -14.28 -18.70
C ASP C 122 26.16 -15.79 -18.51
N GLN C 123 25.01 -16.40 -18.79
CA GLN C 123 24.92 -17.86 -18.75
C GLN C 123 25.71 -18.52 -19.89
N GLY C 124 25.69 -17.89 -21.05
CA GLY C 124 26.36 -18.38 -22.21
C GLY C 124 27.86 -18.39 -22.00
N LEU C 125 28.38 -17.27 -21.49
CA LEU C 125 29.81 -17.12 -21.28
C LEU C 125 30.32 -18.16 -20.31
N ILE C 126 29.57 -18.41 -19.25
CA ILE C 126 29.99 -19.42 -18.29
C ILE C 126 29.82 -20.82 -18.86
N ALA C 127 28.76 -21.05 -19.63
CA ALA C 127 28.54 -22.36 -20.25
C ALA C 127 29.71 -22.71 -21.19
N ASN C 128 30.23 -21.70 -21.89
CA ASN C 128 31.36 -21.89 -22.79
C ASN C 128 32.63 -22.35 -22.09
N ILE C 129 32.69 -22.14 -20.79
CA ILE C 129 33.86 -22.51 -20.03
C ILE C 129 33.65 -23.82 -19.29
N ILE C 130 32.55 -23.94 -18.56
CA ILE C 130 32.37 -25.09 -17.69
C ILE C 130 31.48 -26.20 -18.31
N GLY C 131 30.84 -25.92 -19.43
CA GLY C 131 30.12 -26.93 -20.18
C GLY C 131 28.76 -27.33 -19.63
N LYS C 132 28.14 -26.43 -18.89
CA LYS C 132 26.75 -26.60 -18.46
C LYS C 132 26.16 -25.21 -18.22
N SER C 133 24.84 -25.08 -18.34
CA SER C 133 24.21 -23.79 -18.21
C SER C 133 23.56 -23.61 -16.84
N PRO C 134 24.23 -22.83 -15.97
CA PRO C 134 23.73 -22.57 -14.62
C PRO C 134 22.36 -21.93 -14.64
N LYS C 135 21.59 -22.18 -13.60
CA LYS C 135 20.24 -21.65 -13.49
C LYS C 135 20.15 -20.58 -12.40
N LEU C 136 21.10 -20.57 -11.48
CA LEU C 136 20.97 -19.71 -10.31
C LEU C 136 21.52 -18.31 -10.56
N THR C 137 20.65 -17.30 -10.44
CA THR C 137 21.11 -15.93 -10.53
C THR C 137 21.15 -15.28 -9.17
N ARG C 138 22.02 -14.27 -9.05
CA ARG C 138 22.10 -13.41 -7.90
C ARG C 138 21.84 -11.99 -8.36
N PRO C 139 20.74 -11.40 -7.91
CA PRO C 139 20.51 -10.06 -8.45
C PRO C 139 21.49 -9.08 -7.84
N PRO C 140 22.13 -8.29 -8.69
CA PRO C 140 22.87 -7.12 -8.25
C PRO C 140 21.94 -6.24 -7.41
N TYR C 141 22.42 -5.87 -6.22
CA TYR C 141 21.70 -5.04 -5.26
C TYR C 141 20.54 -5.76 -4.58
N GLY C 142 20.58 -7.09 -4.55
CA GLY C 142 19.46 -7.88 -4.08
C GLY C 142 18.30 -7.79 -5.06
N SER C 143 17.18 -8.43 -4.74
CA SER C 143 15.99 -8.43 -5.61
C SER C 143 14.92 -7.40 -5.22
N MET C 144 15.08 -6.81 -4.02
CA MET C 144 14.07 -5.92 -3.47
C MET C 144 14.53 -4.47 -3.58
N PRO C 145 13.78 -3.63 -4.32
CA PRO C 145 12.49 -3.85 -4.99
C PRO C 145 12.63 -4.06 -6.49
N GLY C 146 13.87 -4.05 -6.97
CA GLY C 146 14.18 -4.03 -8.38
C GLY C 146 13.57 -5.13 -9.21
N LEU C 147 13.34 -6.29 -8.61
CA LEU C 147 12.84 -7.40 -9.41
C LEU C 147 11.33 -7.47 -9.26
N ASN C 148 10.61 -6.70 -10.08
CA ASN C 148 9.17 -6.56 -9.90
C ASN C 148 8.42 -7.83 -10.31
N GLU C 149 7.10 -7.76 -10.32
CA GLU C 149 6.27 -8.96 -10.53
C GLU C 149 6.40 -9.45 -11.97
N GLY C 150 6.53 -8.50 -12.89
CA GLY C 150 6.77 -8.81 -14.28
C GLY C 150 8.09 -9.55 -14.48
N LEU C 151 9.19 -9.00 -14.00
CA LEU C 151 10.49 -9.62 -14.16
C LEU C 151 10.57 -10.92 -13.41
N ARG C 152 9.95 -11.01 -12.23
CA ARG C 152 9.94 -12.29 -11.54
C ARG C 152 9.28 -13.38 -12.40
N ASN C 153 8.26 -13.03 -13.19
CA ASN C 153 7.69 -13.99 -14.13
C ASN C 153 8.73 -14.43 -15.19
N LYS C 154 9.42 -13.47 -15.79
CA LYS C 154 10.40 -13.75 -16.84
C LYS C 154 11.58 -14.65 -16.38
N VAL C 155 11.97 -14.49 -15.12
CA VAL C 155 12.94 -15.36 -14.48
C VAL C 155 12.40 -16.78 -14.34
N VAL C 156 11.12 -16.93 -14.01
CA VAL C 156 10.56 -18.26 -13.84
C VAL C 156 10.35 -18.88 -15.22
N GLU C 157 9.97 -18.02 -16.15
CA GLU C 157 9.64 -18.41 -17.51
C GLU C 157 10.91 -18.68 -18.32
N GLY C 158 12.06 -18.29 -17.80
CA GLY C 158 13.28 -18.54 -18.52
C GLY C 158 14.10 -19.62 -17.85
N GLY C 159 13.56 -20.23 -16.80
CA GLY C 159 14.26 -21.30 -16.12
C GLY C 159 15.15 -20.95 -14.94
N PHE C 160 15.23 -19.66 -14.60
CA PHE C 160 16.17 -19.21 -13.59
C PHE C 160 15.63 -19.21 -12.17
N LYS C 161 16.53 -19.49 -11.23
CA LYS C 161 16.26 -19.26 -9.82
C LYS C 161 16.96 -17.97 -9.37
N VAL C 162 16.45 -17.36 -8.31
CA VAL C 162 17.06 -16.16 -7.74
C VAL C 162 17.42 -16.46 -6.30
N TRP C 163 18.67 -16.23 -5.94
CA TRP C 163 19.08 -16.28 -4.54
C TRP C 163 19.64 -14.96 -4.04
N ASP C 164 18.92 -14.33 -3.10
CA ASP C 164 19.48 -13.21 -2.32
C ASP C 164 20.31 -13.83 -1.20
N TRP C 165 20.23 -13.28 0.00
CA TRP C 165 21.05 -13.80 1.10
C TRP C 165 20.37 -13.66 2.45
N THR C 166 20.99 -14.23 3.48
CA THR C 166 20.47 -14.10 4.84
C THR C 166 21.42 -13.33 5.75
N ILE C 167 22.63 -13.07 5.25
CA ILE C 167 23.67 -12.39 6.01
C ILE C 167 24.48 -11.44 5.15
N ASP C 168 24.55 -10.16 5.54
CA ASP C 168 25.46 -9.28 4.84
C ASP C 168 26.72 -9.10 5.63
N SER C 169 27.80 -9.70 5.15
CA SER C 169 29.12 -9.56 5.74
C SER C 169 29.51 -8.09 5.91
N LEU C 170 28.92 -7.21 5.08
CA LEU C 170 29.14 -5.77 5.09
C LEU C 170 30.58 -5.42 4.74
N ASP C 171 31.18 -6.22 3.86
CA ASP C 171 32.61 -6.13 3.59
C ASP C 171 33.00 -4.86 2.82
N TRP C 172 32.04 -4.26 2.13
CA TRP C 172 32.27 -3.02 1.39
C TRP C 172 32.58 -1.79 2.28
N ARG C 173 32.09 -1.82 3.52
CA ARG C 173 32.33 -0.72 4.47
C ARG C 173 33.81 -0.49 4.72
N TYR C 174 34.59 -1.56 4.60
CA TYR C 174 35.97 -1.52 5.03
C TYR C 174 36.95 -1.45 3.86
N ASN C 175 36.40 -1.15 2.68
CA ASN C 175 37.18 -0.98 1.46
C ASN C 175 38.30 0.02 1.65
N LYS C 176 39.43 -0.25 1.01
CA LYS C 176 40.61 0.59 1.12
C LYS C 176 41.08 0.79 2.54
N MET C 177 40.68 -0.09 3.46
CA MET C 177 41.20 -0.03 4.83
C MET C 177 42.22 -1.14 5.08
N PRO C 178 43.11 -0.95 6.09
CA PRO C 178 44.08 -1.97 6.50
C PRO C 178 43.46 -3.37 6.64
N VAL C 179 43.74 -4.22 5.64
CA VAL C 179 43.10 -5.51 5.44
C VAL C 179 42.95 -6.35 6.70
N ASP C 180 44.06 -6.52 7.43
CA ASP C 180 44.07 -7.31 8.66
C ASP C 180 42.90 -7.01 9.59
N ALA C 181 42.80 -5.75 10.04
CA ALA C 181 41.78 -5.35 10.99
C ALA C 181 40.37 -5.42 10.41
N ALA C 182 40.22 -4.93 9.18
CA ALA C 182 38.96 -5.02 8.45
C ALA C 182 38.41 -6.44 8.44
N ALA C 183 39.22 -7.40 8.02
CA ALA C 183 38.78 -8.78 7.84
C ALA C 183 38.19 -9.41 9.10
N ALA C 184 38.83 -9.15 10.25
CA ALA C 184 38.39 -9.75 11.50
C ALA C 184 37.08 -9.16 11.95
N GLN C 185 36.83 -7.93 11.50
CA GLN C 185 35.58 -7.25 11.79
C GLN C 185 34.47 -7.89 10.95
N ILE C 186 34.80 -8.23 9.71
CA ILE C 186 33.81 -8.81 8.82
C ILE C 186 33.44 -10.18 9.34
N ALA C 187 34.43 -10.89 9.83
CA ALA C 187 34.19 -12.19 10.45
C ALA C 187 33.20 -12.04 11.60
N GLN C 188 33.33 -10.95 12.36
CA GLN C 188 32.38 -10.67 13.42
C GLN C 188 30.97 -10.42 12.85
N ASN C 189 30.91 -9.60 11.81
CA ASN C 189 29.66 -9.30 11.14
C ASN C 189 28.93 -10.59 10.75
N VAL C 190 29.69 -11.56 10.29
CA VAL C 190 29.13 -12.83 9.81
C VAL C 190 28.84 -13.83 10.91
N LEU C 191 29.84 -14.09 11.76
CA LEU C 191 29.72 -15.11 12.79
C LEU C 191 28.59 -14.83 13.78
N THR C 192 28.31 -13.55 14.04
CA THR C 192 27.37 -13.22 15.10
C THR C 192 25.94 -13.11 14.58
N ASN C 193 25.75 -13.37 13.30
CA ASN C 193 24.41 -13.39 12.72
C ASN C 193 24.07 -14.80 12.23
N ALA C 194 24.99 -15.72 12.48
CA ALA C 194 24.80 -17.11 12.09
C ALA C 194 23.91 -17.82 13.10
N THR C 195 22.61 -17.91 12.80
CA THR C 195 21.65 -18.35 13.80
C THR C 195 20.83 -19.59 13.39
N LYS C 196 20.27 -19.58 12.20
CA LYS C 196 19.33 -20.62 11.77
C LYS C 196 20.11 -21.72 11.02
N PRO C 197 19.51 -22.92 10.81
CA PRO C 197 20.26 -24.03 10.21
C PRO C 197 20.83 -23.73 8.83
N GLN C 198 20.02 -23.12 7.98
CA GLN C 198 20.48 -22.72 6.66
C GLN C 198 20.92 -21.26 6.72
N GLU C 199 22.08 -20.93 6.17
CA GLU C 199 22.49 -19.53 6.07
C GLU C 199 23.17 -19.24 4.75
N VAL C 200 22.68 -18.22 4.05
CA VAL C 200 23.30 -17.80 2.79
C VAL C 200 24.07 -16.49 3.02
N ILE C 201 25.39 -16.60 3.08
CA ILE C 201 26.27 -15.48 3.39
C ILE C 201 26.79 -14.79 2.13
N LEU C 202 26.77 -13.46 2.14
CA LEU C 202 27.18 -12.62 1.02
C LEU C 202 28.57 -12.09 1.23
N MET C 203 29.45 -12.31 0.27
CA MET C 203 30.81 -11.75 0.35
C MET C 203 31.25 -11.34 -1.05
N HIS C 204 32.30 -10.52 -1.13
CA HIS C 204 32.78 -10.01 -2.41
C HIS C 204 34.27 -10.35 -2.57
N ASP C 205 34.60 -11.34 -3.38
CA ASP C 205 35.99 -11.78 -3.49
C ASP C 205 36.84 -10.87 -4.39
N ILE C 206 36.27 -9.75 -4.79
CA ILE C 206 37.03 -8.70 -5.46
C ILE C 206 37.69 -7.76 -4.46
N HIS C 207 37.37 -7.92 -3.17
CA HIS C 207 37.93 -7.12 -2.09
C HIS C 207 38.83 -7.95 -1.21
N PRO C 208 40.06 -7.45 -0.96
CA PRO C 208 41.04 -8.15 -0.13
C PRO C 208 40.58 -8.45 1.30
N GLN C 209 39.84 -7.54 1.95
CA GLN C 209 39.48 -7.74 3.35
C GLN C 209 38.45 -8.85 3.50
N SER C 210 37.60 -9.01 2.48
CA SER C 210 36.66 -10.11 2.43
C SER C 210 37.38 -11.43 2.34
N VAL C 211 38.24 -11.57 1.33
CA VAL C 211 39.00 -12.80 1.14
C VAL C 211 39.83 -13.09 2.40
N ALA C 212 40.34 -12.04 3.04
CA ALA C 212 41.15 -12.23 4.23
C ALA C 212 40.32 -12.70 5.41
N ALA C 213 39.01 -12.49 5.35
CA ALA C 213 38.11 -12.73 6.48
C ALA C 213 37.69 -14.20 6.52
N VAL C 214 37.63 -14.78 5.32
CA VAL C 214 37.18 -16.15 5.11
C VAL C 214 37.96 -17.19 5.94
N PRO C 215 39.29 -16.99 6.13
CA PRO C 215 39.92 -17.82 7.17
C PRO C 215 39.09 -17.86 8.47
N ALA C 216 39.11 -16.78 9.25
CA ALA C 216 38.40 -16.71 10.53
C ALA C 216 36.89 -17.03 10.50
N ILE C 217 36.21 -16.82 9.38
CA ILE C 217 34.80 -17.22 9.31
C ILE C 217 34.66 -18.74 9.21
N LEU C 218 35.57 -19.37 8.46
CA LEU C 218 35.59 -20.82 8.33
C LEU C 218 35.83 -21.55 9.67
N LYS C 219 36.55 -20.96 10.62
CA LYS C 219 36.76 -21.58 11.94
C LYS C 219 35.55 -21.49 12.86
N GLY C 220 34.99 -20.27 12.95
CA GLY C 220 33.97 -19.97 13.93
C GLY C 220 32.63 -20.56 13.53
N LEU C 221 32.43 -20.74 12.24
CA LEU C 221 31.21 -21.35 11.75
C LEU C 221 31.29 -22.86 11.91
N LYS C 222 32.46 -23.41 11.60
CA LYS C 222 32.73 -24.83 11.80
C LYS C 222 32.53 -25.19 13.27
N GLU C 223 32.85 -24.25 14.16
CA GLU C 223 32.60 -24.41 15.59
C GLU C 223 31.11 -24.59 15.89
N LYS C 224 30.29 -23.62 15.48
CA LYS C 224 28.88 -23.63 15.84
C LYS C 224 28.07 -24.68 15.08
N GLY C 225 28.76 -25.67 14.51
CA GLY C 225 28.11 -26.83 13.93
C GLY C 225 27.79 -26.74 12.46
N TYR C 226 28.33 -25.72 11.79
CA TYR C 226 28.02 -25.48 10.39
C TYR C 226 28.85 -26.36 9.44
N GLU C 227 28.32 -26.55 8.24
CA GLU C 227 29.05 -27.20 7.16
C GLU C 227 29.07 -26.26 5.97
N PHE C 228 30.13 -26.30 5.17
CA PHE C 228 30.30 -25.33 4.09
C PHE C 228 30.07 -25.92 2.72
N GLU C 229 28.82 -25.93 2.27
CA GLU C 229 28.49 -26.55 1.00
C GLU C 229 28.22 -25.53 -0.08
N ALA C 230 28.40 -25.96 -1.32
CA ALA C 230 28.02 -25.17 -2.49
C ALA C 230 26.51 -25.32 -2.72
N TYR C 231 25.95 -24.39 -3.49
CA TYR C 231 24.56 -24.51 -3.89
C TYR C 231 24.41 -25.64 -4.89
N HIS C 232 23.48 -26.55 -4.65
CA HIS C 232 23.17 -27.63 -5.60
C HIS C 232 21.84 -27.37 -6.30
N GLU C 233 21.81 -27.42 -7.62
CA GLU C 233 20.59 -27.11 -8.39
C GLU C 233 19.42 -28.07 -8.13
N GLU C 234 19.69 -29.31 -7.77
CA GLU C 234 18.62 -30.23 -7.45
C GLU C 234 18.07 -29.97 -6.06
N SER C 235 18.96 -29.55 -5.16
CA SER C 235 18.62 -29.25 -3.77
C SER C 235 18.08 -27.85 -3.54
N HIS C 236 17.62 -27.19 -4.60
CA HIS C 236 17.18 -25.80 -4.48
C HIS C 236 16.11 -25.63 -3.41
N PHE C 237 16.24 -24.57 -2.62
CA PHE C 237 15.14 -24.11 -1.78
C PHE C 237 15.09 -22.59 -1.87
N PRO C 238 13.89 -22.01 -1.77
CA PRO C 238 13.80 -20.54 -1.95
C PRO C 238 14.62 -19.77 -0.92
N VAL C 239 15.40 -18.80 -1.38
CA VAL C 239 15.98 -17.78 -0.48
C VAL C 239 15.94 -16.43 -1.21
N ASN C 240 14.85 -15.70 -1.02
CA ASN C 240 14.70 -14.43 -1.73
C ASN C 240 13.79 -13.41 -0.97
N PHE C 241 14.20 -12.15 -1.00
CA PHE C 241 13.58 -11.07 -0.22
C PHE C 241 12.08 -10.94 -0.48
N TRP C 242 11.65 -11.43 -1.64
CA TRP C 242 10.27 -11.40 -2.06
C TRP C 242 9.50 -12.56 -1.49
N HIS C 243 10.19 -13.43 -0.76
CA HIS C 243 9.62 -14.71 -0.36
C HIS C 243 8.91 -15.42 -1.52
N ASP C 244 9.38 -15.21 -2.76
CA ASP C 244 8.70 -15.73 -3.95
C ASP C 244 9.19 -17.14 -4.24
N ASN C 245 8.38 -18.13 -3.88
CA ASN C 245 8.82 -19.52 -3.85
C ASN C 245 8.97 -20.19 -5.22
N ARG C 246 8.64 -19.48 -6.30
CA ARG C 246 8.82 -20.02 -7.64
C ARG C 246 10.29 -19.89 -8.05
N MET C 247 11.06 -19.16 -7.25
CA MET C 247 12.49 -18.96 -7.56
C MET C 247 13.39 -19.50 -6.48
N ARG D 42 -28.39 -15.22 6.82
CA ARG D 42 -27.94 -15.53 5.48
C ARG D 42 -26.98 -14.47 4.94
N LYS D 43 -25.68 -14.75 5.01
CA LYS D 43 -24.67 -13.79 4.57
C LYS D 43 -23.89 -14.35 3.37
N VAL D 44 -23.57 -13.48 2.41
CA VAL D 44 -22.93 -13.92 1.20
C VAL D 44 -21.78 -12.99 0.79
N ALA D 45 -20.58 -13.56 0.66
CA ALA D 45 -19.44 -12.78 0.18
C ALA D 45 -19.31 -12.98 -1.31
N TYR D 46 -19.23 -11.90 -2.07
CA TYR D 46 -19.00 -12.02 -3.51
C TYR D 46 -17.60 -11.57 -3.85
N LEU D 47 -16.68 -12.53 -3.93
CA LEU D 47 -15.33 -12.27 -4.40
C LEU D 47 -15.36 -11.91 -5.87
N THR D 48 -14.77 -10.78 -6.22
CA THR D 48 -14.70 -10.34 -7.59
C THR D 48 -13.24 -10.07 -7.97
N PHE D 49 -12.84 -10.54 -9.14
CA PHE D 49 -11.49 -10.38 -9.59
C PHE D 49 -11.50 -9.69 -10.94
N ASP D 50 -10.63 -8.70 -11.04
CA ASP D 50 -10.60 -7.75 -12.14
C ASP D 50 -9.32 -7.82 -12.95
N ASP D 51 -9.44 -7.39 -14.20
CA ASP D 51 -8.33 -7.23 -15.17
C ASP D 51 -7.76 -8.55 -15.73
N GLY D 52 -8.30 -9.69 -15.31
CA GLY D 52 -7.85 -10.98 -15.81
C GLY D 52 -8.40 -11.33 -17.18
N PRO D 53 -8.23 -12.59 -17.61
CA PRO D 53 -7.43 -13.60 -16.90
C PRO D 53 -5.93 -13.30 -16.96
N GLY D 54 -5.14 -14.03 -16.19
CA GLY D 54 -3.70 -13.84 -16.20
C GLY D 54 -2.94 -15.01 -15.63
N LYS D 55 -1.62 -14.86 -15.49
CA LYS D 55 -0.72 -15.97 -15.18
C LYS D 55 -0.88 -16.55 -13.76
N TYR D 56 -1.83 -16.05 -12.99
CA TYR D 56 -2.01 -16.61 -11.67
C TYR D 56 -3.46 -17.04 -11.54
N THR D 57 -4.20 -16.88 -12.63
CA THR D 57 -5.64 -17.17 -12.65
C THR D 57 -5.92 -18.66 -12.45
N ALA D 58 -5.09 -19.52 -13.04
CA ALA D 58 -5.22 -20.96 -12.90
C ALA D 58 -4.99 -21.42 -11.47
N GLU D 59 -3.91 -20.93 -10.85
CA GLU D 59 -3.68 -21.18 -9.44
C GLU D 59 -4.88 -20.74 -8.59
N LEU D 60 -5.40 -19.54 -8.84
CA LEU D 60 -6.57 -19.05 -8.11
C LEU D 60 -7.78 -19.96 -8.37
N LEU D 61 -7.96 -20.38 -9.62
CA LEU D 61 -9.06 -21.29 -9.96
C LEU D 61 -8.99 -22.60 -9.19
N ASN D 62 -7.79 -23.13 -8.98
CA ASN D 62 -7.63 -24.33 -8.18
C ASN D 62 -8.01 -24.09 -6.74
N THR D 63 -7.48 -23.00 -6.19
CA THR D 63 -7.67 -22.66 -4.79
C THR D 63 -9.14 -22.41 -4.46
N LEU D 64 -9.90 -21.84 -5.40
CA LEU D 64 -11.35 -21.72 -5.22
C LEU D 64 -12.00 -23.11 -5.14
N LYS D 65 -11.63 -23.98 -6.08
CA LYS D 65 -12.12 -25.37 -6.13
C LYS D 65 -11.90 -26.17 -4.84
N GLN D 66 -10.72 -26.02 -4.24
CA GLN D 66 -10.39 -26.71 -2.99
C GLN D 66 -11.32 -26.35 -1.82
N HIS D 67 -11.89 -25.14 -1.86
CA HIS D 67 -12.76 -24.65 -0.80
C HIS D 67 -14.23 -24.56 -1.20
N ASP D 68 -14.56 -25.12 -2.37
CA ASP D 68 -15.93 -25.10 -2.90
C ASP D 68 -16.52 -23.70 -3.01
N ALA D 69 -15.67 -22.71 -3.24
CA ALA D 69 -16.09 -21.32 -3.26
C ALA D 69 -16.34 -20.85 -4.69
N LYS D 70 -17.33 -19.99 -4.89
CA LYS D 70 -17.62 -19.52 -6.23
C LYS D 70 -17.43 -18.01 -6.30
N ALA D 71 -16.97 -17.53 -7.43
CA ALA D 71 -16.58 -16.13 -7.56
C ALA D 71 -16.96 -15.52 -8.90
N THR D 72 -16.46 -14.31 -9.14
CA THR D 72 -16.87 -13.49 -10.27
C THR D 72 -15.66 -12.85 -10.92
N PHE D 73 -15.56 -12.97 -12.24
CA PHE D 73 -14.39 -12.45 -12.93
C PHE D 73 -14.77 -11.40 -13.98
N PHE D 74 -14.16 -10.23 -13.86
CA PHE D 74 -14.43 -9.17 -14.82
C PHE D 74 -13.23 -9.03 -15.67
N LEU D 75 -13.40 -9.25 -16.95
CA LEU D 75 -12.25 -9.50 -17.79
C LEU D 75 -12.03 -8.37 -18.79
N ILE D 76 -10.77 -8.20 -19.17
CA ILE D 76 -10.39 -7.25 -20.20
C ILE D 76 -10.32 -8.04 -21.50
N GLY D 77 -10.73 -7.43 -22.59
CA GLY D 77 -10.86 -8.12 -23.87
C GLY D 77 -9.55 -8.67 -24.42
N ALA D 78 -8.48 -7.91 -24.25
CA ALA D 78 -7.17 -8.35 -24.69
C ALA D 78 -6.76 -9.63 -23.96
N ASN D 79 -7.06 -9.68 -22.67
CA ASN D 79 -6.77 -10.86 -21.89
C ASN D 79 -7.68 -12.02 -22.26
N VAL D 80 -8.92 -11.69 -22.61
CA VAL D 80 -9.86 -12.72 -23.01
C VAL D 80 -9.38 -13.42 -24.29
N LYS D 81 -8.85 -12.61 -25.20
CA LYS D 81 -8.29 -13.08 -26.47
C LYS D 81 -7.01 -13.90 -26.26
N GLU D 82 -6.19 -13.53 -25.28
CA GLU D 82 -4.93 -14.22 -25.04
C GLU D 82 -5.11 -15.51 -24.25
N PHE D 83 -5.96 -15.50 -23.23
CA PHE D 83 -6.15 -16.67 -22.37
C PHE D 83 -7.52 -17.28 -22.53
N PRO D 84 -7.90 -17.67 -23.75
CA PRO D 84 -9.31 -18.04 -23.93
C PRO D 84 -9.71 -19.24 -23.07
N ASP D 85 -8.78 -20.16 -22.85
CA ASP D 85 -9.10 -21.38 -22.13
C ASP D 85 -9.30 -21.13 -20.65
N LEU D 86 -8.69 -20.07 -20.13
CA LEU D 86 -8.92 -19.68 -18.74
C LEU D 86 -10.34 -19.14 -18.55
N VAL D 87 -10.80 -18.34 -19.51
CA VAL D 87 -12.17 -17.87 -19.49
C VAL D 87 -13.10 -19.06 -19.37
N LYS D 88 -12.90 -20.05 -20.25
CA LYS D 88 -13.75 -21.24 -20.32
C LYS D 88 -13.75 -21.99 -19.00
N ARG D 89 -12.61 -21.99 -18.34
CA ARG D 89 -12.44 -22.71 -17.08
C ARG D 89 -13.12 -22.01 -15.90
N GLU D 90 -13.10 -20.66 -15.89
CA GLU D 90 -13.83 -19.89 -14.89
C GLU D 90 -15.29 -20.22 -14.98
N ASN D 91 -15.82 -20.10 -16.18
CA ASN D 91 -17.19 -20.45 -16.45
C ASN D 91 -17.52 -21.89 -16.09
N ALA D 92 -16.79 -22.84 -16.66
CA ALA D 92 -17.05 -24.27 -16.47
C ALA D 92 -16.97 -24.68 -15.01
N GLU D 93 -16.42 -23.83 -14.14
CA GLU D 93 -16.27 -24.21 -12.74
C GLU D 93 -17.25 -23.52 -11.77
N GLY D 94 -18.20 -22.76 -12.30
CA GLY D 94 -19.25 -22.20 -11.47
C GLY D 94 -19.10 -20.73 -11.17
N HIS D 95 -18.18 -20.09 -11.88
CA HIS D 95 -17.95 -18.69 -11.64
C HIS D 95 -18.70 -17.86 -12.66
N TYR D 96 -19.03 -16.63 -12.29
CA TYR D 96 -19.66 -15.71 -13.21
C TYR D 96 -18.56 -15.03 -13.96
N VAL D 97 -18.73 -14.89 -15.26
CA VAL D 97 -17.72 -14.23 -16.06
C VAL D 97 -18.29 -12.93 -16.60
N GLY D 98 -17.80 -11.81 -16.09
CA GLY D 98 -18.38 -10.52 -16.43
C GLY D 98 -17.45 -9.72 -17.30
N MET D 99 -17.85 -8.50 -17.68
CA MET D 99 -17.00 -7.65 -18.50
C MET D 99 -16.30 -6.49 -17.74
N HIS D 100 -15.13 -6.12 -18.23
CA HIS D 100 -14.32 -5.06 -17.65
C HIS D 100 -13.66 -4.21 -18.74
N SER D 101 -14.35 -4.15 -19.89
CA SER D 101 -13.99 -3.39 -21.09
C SER D 101 -12.90 -4.06 -21.93
N MET D 102 -12.48 -3.32 -22.95
CA MET D 102 -11.39 -3.68 -23.83
C MET D 102 -10.10 -2.92 -23.48
N THR D 103 -10.20 -1.61 -23.33
CA THR D 103 -9.03 -0.75 -23.21
C THR D 103 -8.64 -0.40 -21.77
N HIS D 104 -9.58 -0.51 -20.83
CA HIS D 104 -9.37 -0.09 -19.42
C HIS D 104 -8.82 1.32 -19.42
N ASN D 105 -9.20 2.10 -20.43
CA ASN D 105 -8.75 3.46 -20.64
C ASN D 105 -9.83 4.48 -20.27
N PHE D 106 -9.62 5.19 -19.18
CA PHE D 106 -10.62 6.11 -18.63
C PHE D 106 -11.14 7.09 -19.68
N ALA D 107 -10.22 7.73 -20.40
CA ALA D 107 -10.61 8.79 -21.33
C ALA D 107 -11.48 8.23 -22.45
N LYS D 108 -11.11 7.04 -22.94
CA LYS D 108 -11.86 6.36 -24.00
C LYS D 108 -13.21 5.87 -23.49
N LEU D 109 -13.22 5.33 -22.28
CA LEU D 109 -14.45 4.82 -21.70
C LEU D 109 -15.45 5.94 -21.35
N TYR D 110 -15.00 7.00 -20.68
CA TYR D 110 -15.93 7.95 -20.06
C TYR D 110 -15.97 9.32 -20.72
N LYS D 111 -14.83 10.01 -20.83
CA LYS D 111 -14.80 11.31 -21.51
C LYS D 111 -15.25 11.17 -22.97
N ASN D 112 -15.01 9.99 -23.56
CA ASN D 112 -15.37 9.74 -24.95
C ASN D 112 -16.65 8.91 -25.08
N GLY D 113 -17.05 8.30 -23.97
CA GLY D 113 -18.33 7.60 -23.90
C GLY D 113 -18.36 6.26 -24.60
N GLU D 114 -17.20 5.64 -24.81
CA GLU D 114 -17.15 4.33 -25.46
C GLU D 114 -17.51 3.19 -24.53
N TYR D 115 -17.89 3.52 -23.28
CA TYR D 115 -18.13 2.48 -22.27
C TYR D 115 -18.99 1.29 -22.75
N VAL D 116 -20.16 1.59 -23.34
CA VAL D 116 -21.12 0.54 -23.69
C VAL D 116 -20.63 -0.25 -24.90
N ASN D 117 -20.14 0.46 -25.91
CA ASN D 117 -19.37 -0.13 -27.00
C ASN D 117 -18.36 -1.15 -26.52
N GLU D 118 -17.47 -0.73 -25.62
CA GLU D 118 -16.38 -1.60 -25.18
C GLU D 118 -16.90 -2.82 -24.40
N MET D 119 -17.92 -2.64 -23.58
CA MET D 119 -18.45 -3.75 -22.78
C MET D 119 -19.22 -4.74 -23.68
N LYS D 120 -19.67 -4.24 -24.83
CA LYS D 120 -20.45 -5.02 -25.77
C LYS D 120 -19.51 -5.90 -26.60
N GLU D 121 -18.40 -5.31 -27.01
CA GLU D 121 -17.34 -6.02 -27.70
C GLU D 121 -16.71 -7.01 -26.74
N ASP D 122 -16.69 -6.67 -25.47
CA ASP D 122 -16.12 -7.57 -24.50
C ASP D 122 -17.05 -8.76 -24.30
N GLN D 123 -18.34 -8.45 -24.28
CA GLN D 123 -19.40 -9.45 -24.18
C GLN D 123 -19.37 -10.43 -25.37
N GLY D 124 -19.29 -9.87 -26.58
CA GLY D 124 -19.16 -10.66 -27.78
C GLY D 124 -18.02 -11.64 -27.71
N LEU D 125 -16.82 -11.16 -27.38
CA LEU D 125 -15.67 -12.02 -27.24
C LEU D 125 -15.89 -13.13 -26.23
N ILE D 126 -16.45 -12.81 -25.06
CA ILE D 126 -16.66 -13.83 -24.04
C ILE D 126 -17.70 -14.90 -24.45
N ALA D 127 -18.72 -14.47 -25.18
CA ALA D 127 -19.82 -15.36 -25.57
C ALA D 127 -19.32 -16.49 -26.47
N ASN D 128 -18.60 -16.10 -27.52
CA ASN D 128 -17.88 -17.00 -28.41
C ASN D 128 -17.14 -18.13 -27.70
N ILE D 129 -16.71 -17.89 -26.47
CA ILE D 129 -16.01 -18.88 -25.69
C ILE D 129 -16.96 -19.72 -24.84
N ILE D 130 -17.88 -19.07 -24.14
CA ILE D 130 -18.66 -19.76 -23.13
C ILE D 130 -20.16 -19.89 -23.44
N GLY D 131 -20.61 -19.33 -24.56
CA GLY D 131 -21.96 -19.58 -25.01
C GLY D 131 -23.05 -18.62 -24.54
N LYS D 132 -22.77 -17.82 -23.52
CA LYS D 132 -23.78 -16.87 -23.02
C LYS D 132 -23.29 -15.44 -23.09
N SER D 133 -24.22 -14.52 -23.29
CA SER D 133 -23.88 -13.10 -23.27
C SER D 133 -24.10 -12.52 -21.89
N PRO D 134 -23.02 -12.44 -21.09
CA PRO D 134 -23.14 -11.91 -19.72
C PRO D 134 -23.67 -10.49 -19.77
N LYS D 135 -24.34 -10.06 -18.72
CA LYS D 135 -24.88 -8.71 -18.76
C LYS D 135 -24.08 -7.77 -17.87
N LEU D 136 -23.59 -8.29 -16.74
CA LEU D 136 -22.90 -7.48 -15.73
C LEU D 136 -21.54 -6.93 -16.16
N THR D 137 -21.38 -5.62 -16.00
CA THR D 137 -20.10 -4.98 -16.24
C THR D 137 -19.57 -4.41 -14.94
N ARG D 138 -18.25 -4.30 -14.86
CA ARG D 138 -17.59 -3.71 -13.72
C ARG D 138 -16.68 -2.67 -14.32
N PRO D 139 -16.95 -1.40 -14.01
CA PRO D 139 -16.22 -0.27 -14.61
C PRO D 139 -14.77 -0.23 -14.16
N PRO D 140 -13.87 0.00 -15.12
CA PRO D 140 -12.49 0.24 -14.71
C PRO D 140 -12.45 1.57 -13.95
N TYR D 141 -11.72 1.60 -12.85
CA TYR D 141 -11.61 2.76 -11.95
C TYR D 141 -12.91 3.05 -11.21
N GLY D 142 -13.81 2.08 -11.17
CA GLY D 142 -15.13 2.24 -10.57
C GLY D 142 -16.06 3.12 -11.40
N SER D 143 -17.34 3.20 -11.04
CA SER D 143 -18.28 4.04 -11.80
C SER D 143 -18.23 5.53 -11.43
N MET D 144 -17.84 5.81 -10.19
CA MET D 144 -17.74 7.19 -9.73
C MET D 144 -16.35 7.77 -10.00
N PRO D 145 -16.25 8.86 -10.77
CA PRO D 145 -17.33 9.62 -11.40
C PRO D 145 -17.41 9.39 -12.91
N GLY D 146 -16.88 8.29 -13.40
CA GLY D 146 -16.80 8.12 -14.84
C GLY D 146 -18.14 7.91 -15.51
N LEU D 147 -18.95 7.04 -14.93
CA LEU D 147 -20.23 6.68 -15.51
C LEU D 147 -21.26 7.79 -15.34
N ASN D 148 -21.16 8.83 -16.18
CA ASN D 148 -22.09 9.95 -16.08
C ASN D 148 -23.49 9.51 -16.49
N GLU D 149 -24.46 10.40 -16.30
CA GLU D 149 -25.87 10.09 -16.48
C GLU D 149 -26.25 9.60 -17.89
N GLY D 150 -25.69 10.24 -18.91
CA GLY D 150 -25.90 9.80 -20.28
C GLY D 150 -25.46 8.36 -20.46
N LEU D 151 -24.24 8.07 -20.01
CA LEU D 151 -23.68 6.72 -20.07
C LEU D 151 -24.46 5.77 -19.21
N ARG D 152 -24.95 6.23 -18.06
CA ARG D 152 -25.77 5.34 -17.22
C ARG D 152 -27.09 5.01 -17.93
N ASN D 153 -27.63 5.99 -18.66
CA ASN D 153 -28.83 5.72 -19.42
C ASN D 153 -28.54 4.69 -20.51
N LYS D 154 -27.42 4.86 -21.22
CA LYS D 154 -27.08 3.97 -22.33
C LYS D 154 -26.79 2.58 -21.81
N VAL D 155 -26.18 2.49 -20.64
CA VAL D 155 -26.00 1.21 -19.95
C VAL D 155 -27.32 0.47 -19.82
N VAL D 156 -28.33 1.18 -19.31
CA VAL D 156 -29.66 0.60 -19.07
C VAL D 156 -30.39 0.27 -20.38
N GLU D 157 -30.26 1.13 -21.39
CA GLU D 157 -30.87 0.87 -22.68
C GLU D 157 -30.35 -0.41 -23.29
N GLY D 158 -29.06 -0.69 -23.09
CA GLY D 158 -28.44 -1.87 -23.68
C GLY D 158 -28.62 -3.16 -22.90
N GLY D 159 -29.34 -3.09 -21.79
CA GLY D 159 -29.62 -4.28 -21.02
C GLY D 159 -28.49 -4.70 -20.10
N PHE D 160 -27.48 -3.84 -19.99
CA PHE D 160 -26.33 -4.13 -19.13
C PHE D 160 -26.60 -3.80 -17.67
N LYS D 161 -25.97 -4.55 -16.78
CA LYS D 161 -25.94 -4.20 -15.36
C LYS D 161 -24.54 -3.64 -15.00
N VAL D 162 -24.47 -2.84 -13.94
CA VAL D 162 -23.18 -2.29 -13.49
C VAL D 162 -22.92 -2.60 -12.02
N TRP D 163 -21.79 -3.22 -11.73
CA TRP D 163 -21.35 -3.38 -10.36
C TRP D 163 -20.03 -2.65 -10.06
N ASP D 164 -20.07 -1.82 -9.02
CA ASP D 164 -18.86 -1.40 -8.33
C ASP D 164 -18.72 -2.42 -7.21
N TRP D 165 -18.32 -2.00 -6.02
CA TRP D 165 -18.04 -2.97 -4.94
C TRP D 165 -18.27 -2.32 -3.60
N THR D 166 -18.38 -3.10 -2.53
CA THR D 166 -18.52 -2.51 -1.22
C THR D 166 -17.30 -2.72 -0.32
N ILE D 167 -16.26 -3.36 -0.84
CA ILE D 167 -15.01 -3.50 -0.07
C ILE D 167 -13.84 -3.50 -0.99
N ASP D 168 -12.91 -2.57 -0.78
CA ASP D 168 -11.69 -2.56 -1.56
C ASP D 168 -10.59 -3.28 -0.80
N SER D 169 -10.08 -4.36 -1.38
CA SER D 169 -8.97 -5.09 -0.77
C SER D 169 -7.70 -4.27 -0.83
N LEU D 170 -7.61 -3.41 -1.85
CA LEU D 170 -6.42 -2.60 -2.12
C LEU D 170 -5.23 -3.45 -2.56
N ASP D 171 -5.51 -4.68 -2.97
CA ASP D 171 -4.49 -5.69 -3.21
C ASP D 171 -3.32 -5.24 -4.10
N TRP D 172 -3.63 -4.56 -5.21
CA TRP D 172 -2.63 -4.17 -6.18
C TRP D 172 -1.65 -3.10 -5.70
N ARG D 173 -1.89 -2.56 -4.52
CA ARG D 173 -1.03 -1.50 -4.06
C ARG D 173 0.10 -2.16 -3.32
N TYR D 174 -0.12 -3.40 -2.87
CA TYR D 174 0.86 -4.13 -2.09
C TYR D 174 1.91 -4.91 -2.92
N ASN D 175 2.45 -4.26 -3.94
CA ASN D 175 3.44 -4.85 -4.80
C ASN D 175 4.92 -4.44 -4.53
N LYS D 176 5.25 -4.01 -3.31
CA LYS D 176 6.65 -3.68 -3.00
C LYS D 176 7.04 -4.29 -1.67
N MET D 177 6.56 -5.49 -1.39
CA MET D 177 6.92 -6.17 -0.15
C MET D 177 6.90 -7.68 -0.34
N PRO D 178 7.48 -8.44 0.62
CA PRO D 178 7.42 -9.90 0.42
C PRO D 178 5.97 -10.38 0.22
N VAL D 179 5.74 -11.27 -0.74
CA VAL D 179 4.38 -11.58 -1.18
C VAL D 179 3.51 -12.19 -0.09
N ASP D 180 4.07 -13.04 0.75
CA ASP D 180 3.34 -13.55 1.92
C ASP D 180 2.82 -12.45 2.86
N ALA D 181 3.61 -11.38 2.95
CA ALA D 181 3.38 -10.33 3.93
C ALA D 181 2.28 -9.44 3.43
N ALA D 182 2.44 -8.97 2.20
CA ALA D 182 1.37 -8.27 1.48
C ALA D 182 0.05 -9.06 1.54
N ALA D 183 0.13 -10.37 1.32
CA ALA D 183 -1.07 -11.19 1.28
C ALA D 183 -1.76 -11.18 2.64
N ALA D 184 -0.96 -11.18 3.70
CA ALA D 184 -1.53 -11.19 5.03
C ALA D 184 -2.15 -9.82 5.36
N GLN D 185 -1.56 -8.75 4.83
CA GLN D 185 -2.12 -7.43 5.09
C GLN D 185 -3.40 -7.28 4.28
N ILE D 186 -3.38 -7.81 3.06
CA ILE D 186 -4.54 -7.75 2.17
C ILE D 186 -5.70 -8.60 2.73
N ALA D 187 -5.37 -9.69 3.41
CA ALA D 187 -6.40 -10.51 4.00
C ALA D 187 -7.02 -9.73 5.14
N GLN D 188 -6.16 -9.16 5.97
CA GLN D 188 -6.57 -8.35 7.12
C GLN D 188 -7.55 -7.27 6.69
N ASN D 189 -7.23 -6.55 5.61
CA ASN D 189 -8.12 -5.57 5.03
C ASN D 189 -9.54 -6.07 4.78
N VAL D 190 -9.66 -7.16 4.03
CA VAL D 190 -10.97 -7.73 3.70
C VAL D 190 -11.70 -8.27 4.93
N LEU D 191 -11.00 -9.11 5.69
CA LEU D 191 -11.60 -9.65 6.90
C LEU D 191 -12.11 -8.56 7.86
N THR D 192 -11.33 -7.52 8.12
CA THR D 192 -11.78 -6.53 9.10
C THR D 192 -12.85 -5.56 8.52
N ASN D 193 -13.14 -5.67 7.23
CA ASN D 193 -14.23 -4.87 6.62
C ASN D 193 -15.49 -5.61 6.19
N ALA D 194 -15.62 -6.89 6.53
CA ALA D 194 -16.83 -7.64 6.21
C ALA D 194 -17.76 -7.60 7.40
N THR D 195 -18.87 -6.88 7.24
CA THR D 195 -19.81 -6.65 8.33
C THR D 195 -21.25 -6.64 7.86
N LYS D 196 -21.45 -6.46 6.55
CA LYS D 196 -22.77 -6.41 5.95
C LYS D 196 -23.12 -7.74 5.27
N PRO D 197 -24.38 -8.18 5.41
CA PRO D 197 -24.92 -9.46 4.89
C PRO D 197 -24.50 -9.79 3.47
N GLN D 198 -24.45 -8.79 2.59
CA GLN D 198 -23.81 -8.97 1.30
C GLN D 198 -22.62 -8.02 1.15
N GLU D 199 -21.45 -8.60 0.92
CA GLU D 199 -20.25 -7.82 0.65
C GLU D 199 -19.69 -8.20 -0.72
N VAL D 200 -19.44 -7.19 -1.55
CA VAL D 200 -18.73 -7.40 -2.80
C VAL D 200 -17.25 -6.97 -2.66
N ILE D 201 -16.36 -7.97 -2.51
CA ILE D 201 -14.93 -7.72 -2.33
C ILE D 201 -14.22 -7.56 -3.67
N LEU D 202 -13.54 -6.44 -3.84
CA LEU D 202 -12.86 -6.17 -5.10
C LEU D 202 -11.43 -6.62 -5.01
N MET D 203 -11.02 -7.52 -5.89
CA MET D 203 -9.64 -7.92 -5.98
C MET D 203 -9.20 -7.94 -7.42
N HIS D 204 -7.94 -8.30 -7.64
CA HIS D 204 -7.36 -8.38 -8.97
C HIS D 204 -6.64 -9.69 -9.03
N ASP D 205 -6.93 -10.53 -10.00
CA ASP D 205 -6.22 -11.83 -10.04
C ASP D 205 -4.93 -11.77 -10.87
N ILE D 206 -4.61 -10.58 -11.38
CA ILE D 206 -3.39 -10.39 -12.12
C ILE D 206 -2.19 -9.98 -11.23
N HIS D 207 -2.29 -10.23 -9.92
CA HIS D 207 -1.14 -9.98 -9.02
C HIS D 207 -0.89 -11.13 -8.08
N PRO D 208 0.37 -11.55 -7.94
CA PRO D 208 0.71 -12.66 -7.05
C PRO D 208 0.18 -12.50 -5.61
N GLN D 209 0.44 -11.35 -4.96
CA GLN D 209 -0.02 -11.13 -3.58
C GLN D 209 -1.55 -11.27 -3.44
N SER D 210 -2.28 -10.87 -4.47
CA SER D 210 -3.73 -10.98 -4.50
C SER D 210 -4.20 -12.42 -4.40
N VAL D 211 -3.66 -13.27 -5.26
CA VAL D 211 -4.04 -14.68 -5.29
C VAL D 211 -3.57 -15.38 -4.01
N ALA D 212 -2.44 -14.93 -3.45
CA ALA D 212 -1.94 -15.47 -2.19
C ALA D 212 -2.82 -15.06 -0.99
N ALA D 213 -3.54 -13.95 -1.12
CA ALA D 213 -4.39 -13.46 -0.03
C ALA D 213 -5.69 -14.25 0.12
N VAL D 214 -6.18 -14.77 -1.00
CA VAL D 214 -7.50 -15.44 -1.06
C VAL D 214 -7.66 -16.64 -0.09
N PRO D 215 -6.60 -17.44 0.12
CA PRO D 215 -6.88 -18.50 1.09
C PRO D 215 -7.26 -17.94 2.47
N ALA D 216 -6.44 -17.05 3.02
CA ALA D 216 -6.73 -16.44 4.32
C ALA D 216 -8.05 -15.64 4.31
N ILE D 217 -8.38 -15.03 3.18
CA ILE D 217 -9.68 -14.38 3.02
C ILE D 217 -10.81 -15.41 3.10
N LEU D 218 -10.64 -16.57 2.46
CA LEU D 218 -11.68 -17.61 2.45
C LEU D 218 -11.96 -18.15 3.85
N LYS D 219 -10.91 -18.60 4.53
CA LYS D 219 -11.01 -19.08 5.90
C LYS D 219 -11.68 -18.08 6.83
N GLY D 220 -11.21 -16.83 6.79
CA GLY D 220 -11.68 -15.78 7.67
C GLY D 220 -13.15 -15.46 7.53
N LEU D 221 -13.55 -15.06 6.33
CA LEU D 221 -14.95 -14.74 6.08
C LEU D 221 -15.86 -15.90 6.44
N LYS D 222 -15.39 -17.12 6.23
CA LYS D 222 -16.20 -18.29 6.54
C LYS D 222 -16.32 -18.48 8.07
N GLU D 223 -15.31 -18.06 8.82
CA GLU D 223 -15.42 -18.04 10.28
C GLU D 223 -16.56 -17.12 10.65
N LYS D 224 -16.65 -16.00 9.95
CA LYS D 224 -17.65 -14.99 10.22
C LYS D 224 -19.00 -15.35 9.60
N GLY D 225 -19.09 -16.57 9.09
CA GLY D 225 -20.35 -17.11 8.59
C GLY D 225 -20.74 -16.73 7.17
N TYR D 226 -19.81 -16.21 6.40
CA TYR D 226 -20.08 -15.92 4.99
C TYR D 226 -19.92 -17.17 4.14
N GLU D 227 -20.78 -17.31 3.12
CA GLU D 227 -20.53 -18.26 2.05
C GLU D 227 -20.21 -17.51 0.76
N PHE D 228 -19.40 -18.14 -0.10
CA PHE D 228 -18.85 -17.45 -1.26
C PHE D 228 -19.54 -17.83 -2.56
N GLU D 229 -20.56 -17.07 -2.92
CA GLU D 229 -21.25 -17.30 -4.17
C GLU D 229 -20.66 -16.47 -5.29
N ALA D 230 -20.97 -16.87 -6.52
CA ALA D 230 -20.76 -16.02 -7.67
C ALA D 230 -21.99 -15.14 -7.83
N TYR D 231 -21.87 -14.15 -8.71
CA TYR D 231 -22.99 -13.32 -9.13
C TYR D 231 -23.99 -14.15 -9.93
N HIS D 232 -25.28 -13.94 -9.71
CA HIS D 232 -26.30 -14.63 -10.48
CA HIS D 232 -26.30 -14.63 -10.45
C HIS D 232 -27.21 -13.62 -11.15
N GLU D 233 -27.17 -13.62 -12.48
CA GLU D 233 -28.05 -12.81 -13.31
C GLU D 233 -29.49 -12.66 -12.78
N GLU D 234 -30.19 -13.79 -12.62
CA GLU D 234 -31.59 -13.77 -12.22
CA GLU D 234 -31.60 -13.76 -12.22
C GLU D 234 -31.78 -13.21 -10.82
N SER D 235 -30.71 -13.19 -10.03
CA SER D 235 -30.79 -12.72 -8.65
C SER D 235 -30.15 -11.34 -8.44
N HIS D 236 -30.09 -10.53 -9.50
CA HIS D 236 -29.44 -9.22 -9.46
C HIS D 236 -29.99 -8.29 -8.38
N PHE D 237 -29.08 -7.67 -7.62
CA PHE D 237 -29.42 -6.58 -6.73
C PHE D 237 -28.43 -5.44 -6.97
N PRO D 238 -28.87 -4.18 -6.79
CA PRO D 238 -27.98 -3.11 -7.24
C PRO D 238 -26.80 -2.89 -6.30
N VAL D 239 -25.62 -2.67 -6.86
CA VAL D 239 -24.41 -2.31 -6.10
C VAL D 239 -23.57 -1.35 -6.96
N ASN D 240 -23.77 -0.06 -6.74
CA ASN D 240 -22.99 0.96 -7.44
C ASN D 240 -22.94 2.29 -6.66
N PHE D 241 -21.96 3.11 -7.01
CA PHE D 241 -21.68 4.33 -6.28
C PHE D 241 -22.71 5.43 -6.55
N TRP D 242 -23.44 5.30 -7.65
CA TRP D 242 -24.41 6.30 -8.03
C TRP D 242 -25.76 6.05 -7.38
N HIS D 243 -25.85 4.94 -6.65
CA HIS D 243 -27.12 4.53 -6.03
C HIS D 243 -28.24 4.44 -7.08
N ASP D 244 -27.89 4.02 -8.29
CA ASP D 244 -28.86 3.93 -9.37
C ASP D 244 -29.37 2.50 -9.45
N ASN D 245 -30.60 2.28 -9.02
CA ASN D 245 -31.07 0.89 -8.89
C ASN D 245 -31.69 0.35 -10.19
N ARG D 246 -31.38 1.00 -11.30
CA ARG D 246 -31.70 0.49 -12.62
C ARG D 246 -30.54 -0.35 -13.11
N MET D 247 -29.37 -0.14 -12.51
CA MET D 247 -28.18 -0.93 -12.80
C MET D 247 -27.95 -2.02 -11.74
#